data_2JMS
#
_entry.id   2JMS
#
_cell.length_a   1.000
_cell.length_b   1.000
_cell.length_c   1.000
_cell.angle_alpha   90.00
_cell.angle_beta   90.00
_cell.angle_gamma   90.00
#
_symmetry.space_group_name_H-M   'P 1'
#
_entity_poly.entity_id   1
_entity_poly.type   'polypeptide(L)'
_entity_poly.pdbx_seq_one_letter_code
;TDPEEHFDPNTNCDYTNSQDAWDYCTNYIVNSSCGEICCNDCFDETGTGACRAQAFGNSCLNW
;
_entity_poly.pdbx_strand_id   A
#
# COMPACT_ATOMS: atom_id res chain seq x y z
N THR A 1 10.75 -2.05 5.90
CA THR A 1 11.18 -0.79 5.27
C THR A 1 10.14 0.28 5.65
N ASP A 2 10.31 1.54 5.25
CA ASP A 2 9.34 2.61 5.46
C ASP A 2 8.84 3.12 4.09
N PRO A 3 7.60 3.60 3.94
CA PRO A 3 7.07 4.11 2.67
C PRO A 3 7.66 5.47 2.27
N GLU A 4 8.42 6.08 3.17
CA GLU A 4 8.96 7.41 3.01
C GLU A 4 9.96 7.46 1.85
N GLU A 5 10.91 6.52 1.81
CA GLU A 5 12.00 6.47 0.83
C GLU A 5 11.69 5.48 -0.30
N HIS A 6 10.43 5.08 -0.43
CA HIS A 6 9.97 4.08 -1.38
C HIS A 6 8.66 4.56 -1.95
N PHE A 7 8.67 5.03 -3.18
CA PHE A 7 7.50 5.15 -4.04
C PHE A 7 7.98 4.60 -5.37
N ASP A 8 7.14 3.84 -6.09
CA ASP A 8 7.35 3.56 -7.51
C ASP A 8 5.98 3.18 -8.07
N PRO A 9 5.13 4.16 -8.41
CA PRO A 9 3.77 3.91 -8.86
C PRO A 9 3.77 3.42 -10.31
N ASN A 10 3.28 2.21 -10.57
CA ASN A 10 2.98 1.84 -11.95
C ASN A 10 1.77 2.62 -12.46
N THR A 11 1.50 2.48 -13.76
CA THR A 11 0.47 3.21 -14.51
C THR A 11 -1.00 2.86 -14.13
N ASN A 12 -1.25 2.45 -12.89
CA ASN A 12 -2.58 2.29 -12.33
C ASN A 12 -2.67 2.90 -10.92
N CYS A 13 -1.59 3.40 -10.31
CA CYS A 13 -1.69 4.23 -9.11
C CYS A 13 -2.33 5.58 -9.46
N ASP A 14 -2.70 6.37 -8.45
CA ASP A 14 -3.45 7.63 -8.56
C ASP A 14 -2.86 8.65 -7.60
N TYR A 15 -2.87 8.34 -6.30
CA TYR A 15 -2.35 9.20 -5.25
C TYR A 15 -0.84 9.36 -5.40
N THR A 16 -0.35 10.58 -5.20
CA THR A 16 1.06 10.86 -5.09
C THR A 16 1.30 11.49 -3.71
N ASN A 17 0.82 10.81 -2.67
CA ASN A 17 1.20 11.05 -1.28
C ASN A 17 1.57 9.70 -0.71
N SER A 18 2.66 9.62 0.05
CA SER A 18 3.09 8.39 0.71
C SER A 18 1.97 7.93 1.65
N GLN A 19 1.51 8.83 2.53
CA GLN A 19 0.52 8.56 3.57
C GLN A 19 -0.81 8.08 2.98
N ASP A 20 -1.49 8.86 2.12
CA ASP A 20 -2.82 8.48 1.60
C ASP A 20 -2.75 7.17 0.84
N ALA A 21 -1.81 7.02 -0.11
CA ALA A 21 -1.63 5.77 -0.82
C ALA A 21 -1.47 4.61 0.17
N TRP A 22 -0.49 4.71 1.09
CA TRP A 22 -0.24 3.70 2.11
C TRP A 22 -1.51 3.40 2.91
N ASP A 23 -2.21 4.42 3.40
CA ASP A 23 -3.38 4.28 4.29
C ASP A 23 -4.42 3.40 3.60
N TYR A 24 -4.80 3.76 2.39
CA TYR A 24 -5.77 3.01 1.62
C TYR A 24 -5.23 1.58 1.35
N CYS A 25 -3.96 1.45 0.91
CA CYS A 25 -3.33 0.13 0.69
C CYS A 25 -3.45 -0.77 1.93
N THR A 26 -3.33 -0.19 3.11
CA THR A 26 -3.22 -0.85 4.40
C THR A 26 -4.59 -0.91 5.10
N ASN A 27 -5.68 -0.71 4.34
CA ASN A 27 -7.10 -0.81 4.77
C ASN A 27 -7.44 0.15 5.92
N TYR A 28 -6.57 1.14 6.17
CA TYR A 28 -6.74 2.18 7.16
C TYR A 28 -8.00 3.00 6.83
N ILE A 29 -8.31 3.13 5.54
CA ILE A 29 -9.39 3.93 4.98
C ILE A 29 -10.15 2.96 4.07
N VAL A 30 -11.32 2.48 4.48
CA VAL A 30 -12.14 1.50 3.75
C VAL A 30 -12.37 1.94 2.30
N ASN A 31 -11.90 1.13 1.34
CA ASN A 31 -11.79 1.54 -0.06
C ASN A 31 -11.93 0.43 -1.11
N SER A 32 -12.03 -0.84 -0.70
CA SER A 32 -12.32 -1.99 -1.56
C SER A 32 -11.31 -2.27 -2.69
N SER A 33 -10.10 -1.70 -2.64
CA SER A 33 -9.00 -1.94 -3.57
C SER A 33 -7.70 -2.39 -2.89
N CYS A 34 -7.67 -2.44 -1.55
CA CYS A 34 -6.50 -2.72 -0.72
C CYS A 34 -5.93 -4.14 -0.89
N GLY A 35 -4.93 -4.51 -0.09
CA GLY A 35 -4.23 -5.78 -0.17
C GLY A 35 -2.90 -5.62 -0.91
N GLU A 36 -2.18 -6.73 -1.15
CA GLU A 36 -0.81 -6.69 -1.68
C GLU A 36 -0.74 -5.99 -3.04
N ILE A 37 -1.82 -6.09 -3.83
CA ILE A 37 -1.99 -5.44 -5.11
C ILE A 37 -1.79 -3.93 -4.98
N CYS A 38 -2.46 -3.29 -4.02
CA CYS A 38 -2.42 -1.84 -3.87
C CYS A 38 -1.00 -1.40 -3.51
N CYS A 39 -0.33 -2.16 -2.63
CA CYS A 39 1.10 -2.00 -2.37
C CYS A 39 1.85 -2.07 -3.69
N ASN A 40 1.72 -3.16 -4.44
CA ASN A 40 2.45 -3.42 -5.67
C ASN A 40 2.26 -2.31 -6.70
N ASP A 41 1.06 -1.74 -6.76
CA ASP A 41 0.69 -0.77 -7.79
C ASP A 41 1.22 0.62 -7.47
N CYS A 42 1.30 1.00 -6.18
CA CYS A 42 1.80 2.30 -5.76
C CYS A 42 3.29 2.27 -5.38
N PHE A 43 3.88 1.09 -5.13
CA PHE A 43 5.19 0.93 -4.53
C PHE A 43 5.92 -0.24 -5.22
N ASP A 44 7.26 -0.21 -5.26
CA ASP A 44 8.05 -1.40 -5.59
C ASP A 44 7.82 -2.50 -4.53
N GLU A 45 8.46 -3.66 -4.70
CA GLU A 45 8.41 -4.82 -3.81
C GLU A 45 8.92 -4.50 -2.41
N THR A 46 10.00 -3.72 -2.29
CA THR A 46 10.65 -3.45 -1.02
C THR A 46 9.76 -2.63 -0.08
N GLY A 47 9.24 -1.50 -0.58
CA GLY A 47 8.23 -0.70 0.10
C GLY A 47 7.05 -1.61 0.42
N THR A 48 6.57 -2.32 -0.61
CA THR A 48 5.49 -3.29 -0.51
C THR A 48 5.67 -4.20 0.69
N GLY A 49 6.83 -4.81 0.93
CA GLY A 49 6.95 -5.81 1.98
C GLY A 49 6.45 -5.30 3.34
N ALA A 50 6.68 -4.02 3.64
CA ALA A 50 6.20 -3.33 4.83
C ALA A 50 4.70 -3.07 4.78
N CYS A 51 4.22 -2.50 3.68
CA CYS A 51 2.85 -2.13 3.47
C CYS A 51 1.99 -3.39 3.51
N ARG A 52 2.51 -4.51 3.00
CA ARG A 52 1.86 -5.79 3.05
C ARG A 52 1.58 -6.16 4.49
N ALA A 53 2.55 -6.12 5.41
CA ALA A 53 2.29 -6.42 6.81
C ALA A 53 1.14 -5.56 7.35
N GLN A 54 1.12 -4.27 6.96
CA GLN A 54 0.06 -3.36 7.37
C GLN A 54 -1.29 -3.57 6.66
N ALA A 55 -1.41 -4.42 5.66
CA ALA A 55 -2.72 -4.83 5.14
C ALA A 55 -3.06 -6.23 5.62
N PHE A 56 -2.09 -7.14 5.55
CA PHE A 56 -2.11 -8.56 5.85
C PHE A 56 -2.65 -8.83 7.24
N GLY A 57 -2.02 -8.20 8.23
CA GLY A 57 -2.21 -8.47 9.64
C GLY A 57 -2.09 -7.18 10.43
N ASN A 58 -2.95 -6.22 10.08
CA ASN A 58 -3.18 -4.97 10.78
C ASN A 58 -4.66 -4.57 10.69
N SER A 59 -5.17 -4.41 9.47
CA SER A 59 -6.58 -4.05 9.24
C SER A 59 -7.30 -5.06 8.33
N CYS A 60 -6.89 -5.23 7.07
CA CYS A 60 -7.64 -6.08 6.13
C CYS A 60 -7.61 -7.54 6.61
N LEU A 61 -8.67 -8.31 6.35
CA LEU A 61 -8.69 -9.70 6.76
C LEU A 61 -7.71 -10.52 5.93
N ASN A 62 -7.63 -10.24 4.63
CA ASN A 62 -6.75 -10.93 3.69
C ASN A 62 -6.04 -9.86 2.88
N TRP A 63 -4.73 -10.01 2.65
CA TRP A 63 -4.01 -9.22 1.67
C TRP A 63 -4.34 -9.67 0.25
N THR A 1 13.21 0.51 5.96
CA THR A 1 12.60 0.69 4.63
C THR A 1 11.58 1.83 4.72
N ASP A 2 10.48 1.62 5.48
CA ASP A 2 9.29 2.47 5.57
C ASP A 2 8.63 2.62 4.19
N PRO A 3 7.44 3.24 4.06
CA PRO A 3 6.98 3.79 2.79
C PRO A 3 7.77 5.06 2.43
N GLU A 4 8.45 5.66 3.41
CA GLU A 4 8.98 7.01 3.28
C GLU A 4 10.00 7.17 2.15
N GLU A 5 10.81 6.14 1.89
CA GLU A 5 11.90 6.16 0.91
C GLU A 5 11.60 5.29 -0.31
N HIS A 6 10.34 4.90 -0.50
CA HIS A 6 9.94 3.92 -1.50
C HIS A 6 8.63 4.38 -2.12
N PHE A 7 8.64 4.83 -3.38
CA PHE A 7 7.43 5.26 -4.08
C PHE A 7 7.69 5.15 -5.57
N ASP A 8 7.35 4.01 -6.16
CA ASP A 8 7.43 3.75 -7.59
C ASP A 8 6.07 3.17 -8.01
N PRO A 9 5.07 4.02 -8.28
CA PRO A 9 3.76 3.59 -8.77
C PRO A 9 3.81 3.02 -10.19
N ASN A 10 2.70 2.41 -10.57
CA ASN A 10 2.34 2.11 -11.95
C ASN A 10 1.05 2.83 -12.32
N THR A 11 0.52 2.55 -13.50
CA THR A 11 -0.63 3.21 -14.09
C THR A 11 -1.97 2.75 -13.48
N ASN A 12 -1.97 1.99 -12.38
CA ASN A 12 -3.16 1.73 -11.57
C ASN A 12 -3.23 2.65 -10.35
N CYS A 13 -2.10 3.20 -9.87
CA CYS A 13 -2.06 4.11 -8.73
C CYS A 13 -2.76 5.45 -9.07
N ASP A 14 -3.21 6.19 -8.05
CA ASP A 14 -4.05 7.38 -8.19
C ASP A 14 -3.70 8.43 -7.13
N TYR A 15 -3.59 8.00 -5.87
CA TYR A 15 -3.03 8.82 -4.80
C TYR A 15 -1.56 9.06 -5.08
N THR A 16 -1.11 10.26 -4.79
CA THR A 16 0.23 10.71 -5.14
C THR A 16 1.04 11.11 -3.89
N ASN A 17 0.71 10.58 -2.70
CA ASN A 17 1.60 10.64 -1.55
C ASN A 17 1.65 9.37 -0.72
N SER A 18 2.79 9.23 -0.04
CA SER A 18 3.21 8.08 0.75
C SER A 18 2.38 7.87 2.03
N GLN A 19 1.45 8.76 2.39
CA GLN A 19 0.53 8.57 3.51
C GLN A 19 -0.81 8.07 2.99
N ASP A 20 -1.49 8.82 2.11
CA ASP A 20 -2.84 8.49 1.68
C ASP A 20 -2.83 7.14 0.99
N ALA A 21 -1.99 6.96 -0.05
CA ALA A 21 -2.00 5.72 -0.81
C ALA A 21 -1.64 4.53 0.08
N TRP A 22 -0.71 4.73 1.02
CA TRP A 22 -0.35 3.72 2.00
C TRP A 22 -1.61 3.37 2.78
N ASP A 23 -2.13 4.30 3.58
CA ASP A 23 -3.23 4.14 4.54
C ASP A 23 -4.37 3.38 3.87
N TYR A 24 -4.79 3.84 2.69
CA TYR A 24 -5.82 3.22 1.87
C TYR A 24 -5.49 1.74 1.61
N CYS A 25 -4.31 1.45 1.05
CA CYS A 25 -3.87 0.08 0.78
C CYS A 25 -3.82 -0.79 2.03
N THR A 26 -3.43 -0.22 3.17
CA THR A 26 -3.37 -0.94 4.44
C THR A 26 -4.79 -1.30 4.96
N ASN A 27 -5.85 -0.82 4.26
CA ASN A 27 -7.27 -0.81 4.62
C ASN A 27 -7.56 -0.03 5.90
N TYR A 28 -6.64 0.84 6.31
CA TYR A 28 -6.88 1.84 7.33
C TYR A 28 -8.11 2.66 6.90
N ILE A 29 -8.18 2.99 5.61
CA ILE A 29 -9.27 3.70 4.97
C ILE A 29 -9.84 2.74 3.93
N VAL A 30 -11.06 2.26 4.18
CA VAL A 30 -11.73 1.30 3.33
C VAL A 30 -11.99 1.93 1.95
N ASN A 31 -11.46 1.31 0.90
CA ASN A 31 -11.53 1.81 -0.48
C ASN A 31 -11.51 0.70 -1.53
N SER A 32 -11.48 -0.58 -1.12
CA SER A 32 -11.60 -1.75 -1.96
C SER A 32 -10.45 -1.95 -2.95
N SER A 33 -9.24 -1.48 -2.61
CA SER A 33 -8.01 -1.80 -3.34
C SER A 33 -6.90 -2.10 -2.32
N CYS A 34 -7.27 -2.72 -1.21
CA CYS A 34 -6.38 -3.09 -0.13
C CYS A 34 -5.92 -4.53 -0.28
N GLY A 35 -4.64 -4.80 -0.01
CA GLY A 35 -3.97 -6.07 -0.25
C GLY A 35 -2.66 -5.88 -1.01
N GLU A 36 -1.92 -6.97 -1.25
CA GLU A 36 -0.54 -6.88 -1.75
C GLU A 36 -0.44 -6.24 -3.14
N ILE A 37 -1.47 -6.39 -3.96
CA ILE A 37 -1.57 -5.86 -5.31
C ILE A 37 -1.38 -4.34 -5.29
N CYS A 38 -2.07 -3.63 -4.40
CA CYS A 38 -1.96 -2.19 -4.38
C CYS A 38 -0.59 -1.75 -3.86
N CYS A 39 0.02 -2.51 -2.93
CA CYS A 39 1.40 -2.33 -2.55
C CYS A 39 2.28 -2.40 -3.79
N ASN A 40 2.16 -3.49 -4.56
CA ASN A 40 2.91 -3.76 -5.79
C ASN A 40 2.73 -2.65 -6.83
N ASP A 41 1.62 -1.93 -6.80
CA ASP A 41 1.18 -1.01 -7.85
C ASP A 41 1.39 0.45 -7.46
N CYS A 42 1.73 0.75 -6.20
CA CYS A 42 2.01 2.10 -5.72
C CYS A 42 3.40 2.22 -5.08
N PHE A 43 4.06 1.10 -4.78
CA PHE A 43 5.37 1.03 -4.15
C PHE A 43 6.19 0.00 -4.94
N ASP A 44 7.53 0.10 -4.93
CA ASP A 44 8.36 -0.99 -5.45
C ASP A 44 8.20 -2.19 -4.52
N GLU A 45 8.71 -3.33 -4.92
CA GLU A 45 8.64 -4.60 -4.20
C GLU A 45 9.39 -4.54 -2.86
N THR A 46 10.29 -3.58 -2.69
CA THR A 46 10.96 -3.32 -1.44
C THR A 46 9.99 -2.66 -0.46
N GLY A 47 9.45 -1.48 -0.81
CA GLY A 47 8.48 -0.76 0.02
C GLY A 47 7.21 -1.59 0.23
N THR A 48 6.85 -2.41 -0.75
CA THR A 48 5.75 -3.34 -0.67
C THR A 48 5.83 -4.16 0.62
N GLY A 49 6.98 -4.72 1.00
CA GLY A 49 7.01 -5.64 2.14
C GLY A 49 6.58 -4.97 3.44
N ALA A 50 6.78 -3.66 3.57
CA ALA A 50 6.24 -2.87 4.67
C ALA A 50 4.72 -2.79 4.57
N CYS A 51 4.21 -2.35 3.41
CA CYS A 51 2.80 -2.10 3.23
C CYS A 51 2.02 -3.40 3.31
N ARG A 52 2.61 -4.51 2.85
CA ARG A 52 2.00 -5.81 2.96
C ARG A 52 1.76 -6.12 4.42
N ALA A 53 2.73 -5.95 5.32
CA ALA A 53 2.47 -6.18 6.75
C ALA A 53 1.23 -5.39 7.19
N GLN A 54 1.21 -4.10 6.87
CA GLN A 54 0.10 -3.22 7.26
C GLN A 54 -1.22 -3.54 6.52
N ALA A 55 -1.25 -4.40 5.49
CA ALA A 55 -2.47 -4.89 4.86
C ALA A 55 -2.70 -6.38 5.13
N PHE A 56 -1.74 -7.07 5.74
CA PHE A 56 -1.73 -8.49 6.03
C PHE A 56 -2.29 -8.66 7.44
N GLY A 57 -1.52 -8.22 8.43
CA GLY A 57 -1.83 -8.38 9.84
C GLY A 57 -2.13 -7.05 10.50
N ASN A 58 -3.11 -6.32 9.96
CA ASN A 58 -3.53 -5.03 10.50
C ASN A 58 -5.02 -4.77 10.22
N SER A 59 -5.41 -4.01 9.18
CA SER A 59 -6.79 -3.51 9.06
C SER A 59 -7.57 -4.12 7.89
N CYS A 60 -6.89 -4.79 6.94
CA CYS A 60 -7.63 -5.55 5.94
C CYS A 60 -8.05 -6.87 6.58
N LEU A 61 -8.96 -7.62 5.94
CA LEU A 61 -9.38 -8.92 6.46
C LEU A 61 -8.36 -9.98 6.05
N ASN A 62 -7.99 -10.00 4.77
CA ASN A 62 -6.84 -10.72 4.22
C ASN A 62 -6.25 -9.80 3.15
N TRP A 63 -4.93 -9.86 2.95
CA TRP A 63 -4.27 -9.26 1.80
C TRP A 63 -4.83 -9.86 0.52
N THR A 1 10.51 -2.10 5.82
CA THR A 1 11.00 -0.77 5.43
C THR A 1 9.90 0.28 5.65
N ASP A 2 9.80 1.28 4.78
CA ASP A 2 9.21 2.58 5.04
C ASP A 2 8.62 3.04 3.69
N PRO A 3 7.45 3.69 3.66
CA PRO A 3 6.90 4.27 2.45
C PRO A 3 7.40 5.67 2.13
N GLU A 4 8.16 6.26 3.04
CA GLU A 4 8.75 7.56 2.89
C GLU A 4 9.67 7.61 1.68
N GLU A 5 10.41 6.51 1.47
CA GLU A 5 11.63 6.50 0.68
C GLU A 5 11.60 5.45 -0.44
N HIS A 6 10.47 4.76 -0.56
CA HIS A 6 10.18 3.72 -1.54
C HIS A 6 8.82 4.09 -2.10
N PHE A 7 8.73 4.40 -3.40
CA PHE A 7 7.50 4.84 -4.05
C PHE A 7 7.80 4.74 -5.53
N ASP A 8 7.14 3.86 -6.28
CA ASP A 8 7.41 3.71 -7.72
C ASP A 8 6.10 3.43 -8.46
N PRO A 9 5.14 4.37 -8.46
CA PRO A 9 3.78 4.11 -8.90
C PRO A 9 3.73 3.90 -10.41
N ASN A 10 3.31 2.71 -10.82
CA ASN A 10 2.90 2.52 -12.21
C ASN A 10 1.59 3.27 -12.45
N THR A 11 1.13 3.28 -13.69
CA THR A 11 0.04 4.11 -14.19
C THR A 11 -1.33 3.79 -13.57
N ASN A 12 -1.48 2.73 -12.77
CA ASN A 12 -2.71 2.40 -12.05
C ASN A 12 -2.87 3.19 -10.75
N CYS A 13 -1.76 3.51 -10.04
CA CYS A 13 -1.80 4.23 -8.79
C CYS A 13 -2.62 5.53 -8.92
N ASP A 14 -3.38 5.90 -7.86
CA ASP A 14 -4.14 7.14 -7.78
C ASP A 14 -3.35 8.17 -6.97
N TYR A 15 -2.99 7.79 -5.74
CA TYR A 15 -2.44 8.70 -4.74
C TYR A 15 -0.93 8.74 -4.84
N THR A 16 -0.35 9.92 -4.97
CA THR A 16 1.10 10.11 -5.06
C THR A 16 1.68 10.67 -3.76
N ASN A 17 1.06 10.33 -2.61
CA ASN A 17 1.60 10.65 -1.30
C ASN A 17 1.77 9.35 -0.53
N SER A 18 2.84 9.30 0.25
CA SER A 18 3.28 8.14 1.02
C SER A 18 2.40 7.85 2.22
N GLN A 19 1.37 8.67 2.48
CA GLN A 19 0.44 8.50 3.57
C GLN A 19 -0.94 8.13 3.02
N ASP A 20 -1.44 8.86 2.02
CA ASP A 20 -2.72 8.54 1.37
C ASP A 20 -2.62 7.16 0.72
N ALA A 21 -1.66 6.97 -0.19
CA ALA A 21 -1.53 5.71 -0.93
C ALA A 21 -1.39 4.56 0.05
N TRP A 22 -0.51 4.73 1.03
CA TRP A 22 -0.30 3.82 2.15
C TRP A 22 -1.64 3.46 2.77
N ASP A 23 -2.32 4.38 3.44
CA ASP A 23 -3.52 4.08 4.22
C ASP A 23 -4.60 3.39 3.39
N TYR A 24 -4.72 3.72 2.10
CA TYR A 24 -5.66 3.06 1.23
C TYR A 24 -5.18 1.62 0.93
N CYS A 25 -3.91 1.43 0.57
CA CYS A 25 -3.32 0.11 0.37
C CYS A 25 -3.44 -0.78 1.62
N THR A 26 -3.20 -0.20 2.81
CA THR A 26 -3.09 -0.91 4.07
C THR A 26 -4.48 -1.33 4.59
N ASN A 27 -5.58 -0.98 3.88
CA ASN A 27 -6.99 -1.14 4.26
C ASN A 27 -7.39 -0.20 5.40
N TYR A 28 -6.46 0.62 5.91
CA TYR A 28 -6.71 1.56 6.99
C TYR A 28 -7.92 2.45 6.70
N ILE A 29 -8.17 2.76 5.43
CA ILE A 29 -9.29 3.53 4.94
C ILE A 29 -10.06 2.56 4.04
N VAL A 30 -11.34 2.41 4.30
CA VAL A 30 -12.22 1.48 3.60
C VAL A 30 -12.43 1.93 2.15
N ASN A 31 -11.73 1.26 1.24
CA ASN A 31 -11.68 1.55 -0.20
C ASN A 31 -11.53 0.29 -1.06
N SER A 32 -11.42 -0.91 -0.46
CA SER A 32 -11.54 -2.22 -1.10
C SER A 32 -10.45 -2.60 -2.11
N SER A 33 -9.69 -1.63 -2.64
CA SER A 33 -8.51 -1.81 -3.47
C SER A 33 -7.42 -2.59 -2.72
N CYS A 34 -7.35 -2.34 -1.40
CA CYS A 34 -6.36 -2.75 -0.41
C CYS A 34 -5.88 -4.20 -0.54
N GLY A 35 -4.71 -4.46 0.03
CA GLY A 35 -4.03 -5.74 -0.05
C GLY A 35 -2.72 -5.63 -0.83
N GLU A 36 -2.01 -6.75 -1.00
CA GLU A 36 -0.68 -6.81 -1.59
C GLU A 36 -0.65 -6.22 -3.00
N ILE A 37 -1.72 -6.39 -3.75
CA ILE A 37 -1.91 -5.84 -5.09
C ILE A 37 -1.83 -4.32 -5.04
N CYS A 38 -2.53 -3.70 -4.09
CA CYS A 38 -2.58 -2.26 -3.98
C CYS A 38 -1.18 -1.73 -3.63
N CYS A 39 -0.47 -2.43 -2.72
CA CYS A 39 0.93 -2.15 -2.45
C CYS A 39 1.72 -2.20 -3.76
N ASN A 40 1.63 -3.31 -4.51
CA ASN A 40 2.38 -3.58 -5.73
C ASN A 40 2.13 -2.50 -6.79
N ASP A 41 0.89 -2.01 -6.92
CA ASP A 41 0.48 -1.08 -7.98
C ASP A 41 0.98 0.35 -7.73
N CYS A 42 1.54 0.63 -6.56
CA CYS A 42 1.86 1.98 -6.08
C CYS A 42 3.28 2.08 -5.52
N PHE A 43 3.65 1.15 -4.64
CA PHE A 43 4.96 1.04 -4.05
C PHE A 43 5.81 0.10 -4.88
N ASP A 44 7.13 0.29 -4.75
CA ASP A 44 8.10 -0.68 -5.24
C ASP A 44 7.95 -1.98 -4.46
N GLU A 45 8.71 -2.99 -4.86
CA GLU A 45 8.59 -4.31 -4.24
C GLU A 45 9.16 -4.30 -2.81
N THR A 46 10.20 -3.51 -2.57
CA THR A 46 10.83 -3.41 -1.25
C THR A 46 9.90 -2.64 -0.32
N GLY A 47 9.41 -1.48 -0.77
CA GLY A 47 8.40 -0.68 -0.07
C GLY A 47 7.21 -1.53 0.28
N THR A 48 6.67 -2.24 -0.72
CA THR A 48 5.55 -3.15 -0.59
C THR A 48 5.71 -4.04 0.64
N GLY A 49 6.86 -4.64 0.93
CA GLY A 49 6.97 -5.56 2.07
C GLY A 49 6.52 -4.93 3.40
N ALA A 50 6.71 -3.63 3.59
CA ALA A 50 6.22 -2.89 4.75
C ALA A 50 4.70 -2.69 4.66
N CYS A 51 4.25 -2.17 3.53
CA CYS A 51 2.85 -1.84 3.29
C CYS A 51 2.00 -3.10 3.40
N ARG A 52 2.56 -4.23 2.98
CA ARG A 52 1.91 -5.51 3.08
C ARG A 52 1.66 -5.85 4.53
N ALA A 53 2.63 -5.73 5.43
CA ALA A 53 2.39 -6.03 6.84
C ALA A 53 1.19 -5.24 7.36
N GLN A 54 1.18 -3.93 7.08
CA GLN A 54 0.10 -3.02 7.47
C GLN A 54 -1.26 -3.35 6.81
N ALA A 55 -1.35 -4.22 5.80
CA ALA A 55 -2.62 -4.74 5.33
C ALA A 55 -2.87 -6.13 5.92
N PHE A 56 -1.88 -7.00 5.80
CA PHE A 56 -1.85 -8.43 6.10
C PHE A 56 -2.35 -8.74 7.50
N GLY A 57 -1.75 -8.06 8.48
CA GLY A 57 -1.92 -8.36 9.90
C GLY A 57 -2.17 -7.10 10.70
N ASN A 58 -3.01 -6.19 10.19
CA ASN A 58 -3.31 -4.92 10.81
C ASN A 58 -4.79 -4.59 10.60
N SER A 59 -5.17 -4.18 9.39
CA SER A 59 -6.54 -3.79 9.08
C SER A 59 -7.28 -4.85 8.25
N CYS A 60 -6.87 -5.07 7.00
CA CYS A 60 -7.52 -5.97 6.07
C CYS A 60 -7.66 -7.39 6.62
N LEU A 61 -8.79 -8.04 6.31
CA LEU A 61 -8.99 -9.47 6.60
C LEU A 61 -8.01 -10.28 5.75
N ASN A 62 -7.94 -10.01 4.45
CA ASN A 62 -7.11 -10.74 3.49
C ASN A 62 -6.36 -9.72 2.63
N TRP A 63 -5.04 -9.68 2.77
CA TRP A 63 -4.19 -8.96 1.83
C TRP A 63 -4.36 -9.49 0.41
N THR A 1 12.14 -1.73 6.65
CA THR A 1 12.04 -0.68 5.64
C THR A 1 10.79 0.15 5.96
N ASP A 2 10.70 1.35 5.40
CA ASP A 2 9.59 2.26 5.60
C ASP A 2 9.04 2.71 4.25
N PRO A 3 7.81 3.25 4.18
CA PRO A 3 7.22 3.69 2.92
C PRO A 3 7.88 4.96 2.37
N GLU A 4 8.50 5.75 3.24
CA GLU A 4 8.90 7.11 2.95
C GLU A 4 9.76 7.20 1.69
N GLU A 5 10.81 6.37 1.59
CA GLU A 5 11.79 6.46 0.53
C GLU A 5 11.41 5.64 -0.72
N HIS A 6 10.20 5.06 -0.76
CA HIS A 6 9.78 4.04 -1.69
C HIS A 6 8.48 4.44 -2.39
N PHE A 7 8.56 4.70 -3.69
CA PHE A 7 7.42 4.88 -4.59
C PHE A 7 7.73 4.16 -5.89
N ASP A 8 6.78 3.38 -6.41
CA ASP A 8 6.75 2.98 -7.82
C ASP A 8 5.30 2.85 -8.29
N PRO A 9 4.59 3.97 -8.57
CA PRO A 9 3.18 3.96 -8.94
C PRO A 9 2.93 3.58 -10.40
N ASN A 10 2.14 2.53 -10.59
CA ASN A 10 1.48 2.24 -11.87
C ASN A 10 0.20 3.10 -11.97
N THR A 11 -0.52 3.04 -13.09
CA THR A 11 -1.59 3.99 -13.42
C THR A 11 -2.86 3.85 -12.55
N ASN A 12 -2.93 2.83 -11.69
CA ASN A 12 -3.99 2.67 -10.70
C ASN A 12 -3.64 3.40 -9.40
N CYS A 13 -2.35 3.67 -9.10
CA CYS A 13 -1.95 4.62 -8.08
C CYS A 13 -2.17 6.05 -8.58
N ASP A 14 -3.31 6.63 -8.22
CA ASP A 14 -3.60 8.05 -8.35
C ASP A 14 -2.76 8.84 -7.35
N TYR A 15 -2.60 8.31 -6.13
CA TYR A 15 -2.16 9.09 -4.99
C TYR A 15 -0.65 9.20 -5.01
N THR A 16 -0.14 10.41 -5.19
CA THR A 16 1.29 10.67 -5.22
C THR A 16 1.71 11.27 -3.87
N ASN A 17 1.15 10.75 -2.77
CA ASN A 17 1.62 11.02 -1.42
C ASN A 17 1.67 9.70 -0.71
N SER A 18 2.74 9.47 0.05
CA SER A 18 3.03 8.28 0.84
C SER A 18 1.83 7.92 1.72
N GLN A 19 1.40 8.82 2.61
CA GLN A 19 0.38 8.56 3.62
C GLN A 19 -0.94 8.15 2.98
N ASP A 20 -1.50 8.92 2.05
CA ASP A 20 -2.84 8.64 1.51
C ASP A 20 -2.85 7.36 0.69
N ALA A 21 -1.86 7.14 -0.18
CA ALA A 21 -1.70 5.87 -0.85
C ALA A 21 -1.62 4.72 0.16
N TRP A 22 -0.67 4.79 1.12
CA TRP A 22 -0.44 3.78 2.15
C TRP A 22 -1.74 3.48 2.89
N ASP A 23 -2.44 4.49 3.40
CA ASP A 23 -3.60 4.33 4.27
C ASP A 23 -4.64 3.45 3.59
N TYR A 24 -5.05 3.81 2.38
CA TYR A 24 -6.03 3.06 1.63
C TYR A 24 -5.47 1.65 1.29
N CYS A 25 -4.22 1.54 0.80
CA CYS A 25 -3.58 0.26 0.45
C CYS A 25 -3.60 -0.72 1.63
N THR A 26 -3.43 -0.21 2.84
CA THR A 26 -3.28 -0.95 4.08
C THR A 26 -4.65 -1.25 4.71
N ASN A 27 -5.76 -0.95 4.00
CA ASN A 27 -7.15 -1.00 4.45
C ASN A 27 -7.39 -0.20 5.72
N TYR A 28 -6.55 0.79 6.00
CA TYR A 28 -6.77 1.76 7.06
C TYR A 28 -8.04 2.53 6.71
N ILE A 29 -8.02 3.11 5.50
CA ILE A 29 -9.13 3.75 4.84
C ILE A 29 -9.71 2.66 3.93
N VAL A 30 -10.86 2.13 4.32
CA VAL A 30 -11.59 1.17 3.53
C VAL A 30 -11.95 1.79 2.18
N ASN A 31 -11.79 1.01 1.11
CA ASN A 31 -12.02 1.49 -0.24
C ASN A 31 -12.67 0.44 -1.15
N SER A 32 -12.01 -0.70 -1.44
CA SER A 32 -12.43 -1.88 -2.23
C SER A 32 -11.30 -2.52 -3.05
N SER A 33 -10.07 -1.97 -2.98
CA SER A 33 -8.96 -2.25 -3.89
C SER A 33 -7.64 -2.35 -3.11
N CYS A 34 -7.69 -2.77 -1.83
CA CYS A 34 -6.54 -2.91 -0.93
C CYS A 34 -6.01 -4.36 -0.93
N GLY A 35 -4.94 -4.66 -0.17
CA GLY A 35 -4.25 -5.95 -0.13
C GLY A 35 -2.91 -5.83 -0.85
N GLU A 36 -2.17 -6.93 -1.05
CA GLU A 36 -0.80 -6.87 -1.52
C GLU A 36 -0.70 -6.19 -2.89
N ILE A 37 -1.68 -6.42 -3.75
CA ILE A 37 -1.83 -5.85 -5.10
C ILE A 37 -1.58 -4.34 -5.08
N CYS A 38 -2.28 -3.62 -4.22
CA CYS A 38 -2.24 -2.18 -4.23
C CYS A 38 -0.87 -1.69 -3.76
N CYS A 39 -0.23 -2.39 -2.82
CA CYS A 39 1.16 -2.12 -2.49
C CYS A 39 2.03 -2.36 -3.71
N ASN A 40 1.88 -3.52 -4.36
CA ASN A 40 2.62 -3.96 -5.53
C ASN A 40 2.50 -2.99 -6.71
N ASP A 41 1.51 -2.11 -6.70
CA ASP A 41 1.21 -1.19 -7.77
C ASP A 41 1.37 0.29 -7.38
N CYS A 42 1.79 0.56 -6.14
CA CYS A 42 2.10 1.90 -5.65
C CYS A 42 3.53 2.00 -5.11
N PHE A 43 4.06 0.89 -4.58
CA PHE A 43 5.35 0.76 -3.93
C PHE A 43 6.14 -0.33 -4.67
N ASP A 44 7.45 -0.09 -4.77
CA ASP A 44 8.44 -1.08 -5.17
C ASP A 44 8.43 -2.28 -4.21
N GLU A 45 9.15 -3.36 -4.51
CA GLU A 45 9.18 -4.60 -3.71
C GLU A 45 9.47 -4.32 -2.24
N THR A 46 10.59 -3.65 -1.96
CA THR A 46 11.05 -3.40 -0.60
C THR A 46 9.97 -2.61 0.15
N GLY A 47 9.54 -1.45 -0.38
CA GLY A 47 8.51 -0.61 0.25
C GLY A 47 7.20 -1.38 0.42
N THR A 48 6.84 -2.19 -0.57
CA THR A 48 5.70 -3.10 -0.52
C THR A 48 5.79 -3.97 0.72
N GLY A 49 6.94 -4.56 1.05
CA GLY A 49 6.99 -5.54 2.11
C GLY A 49 6.60 -4.96 3.48
N ALA A 50 6.70 -3.64 3.68
CA ALA A 50 6.18 -2.94 4.85
C ALA A 50 4.66 -2.75 4.74
N CYS A 51 4.21 -2.26 3.58
CA CYS A 51 2.84 -1.90 3.31
C CYS A 51 1.96 -3.16 3.30
N ARG A 52 2.54 -4.29 2.87
CA ARG A 52 1.92 -5.60 2.97
C ARG A 52 1.62 -5.91 4.42
N ALA A 53 2.61 -5.85 5.31
CA ALA A 53 2.37 -6.12 6.73
C ALA A 53 1.22 -5.27 7.27
N GLN A 54 1.15 -4.02 6.84
CA GLN A 54 0.09 -3.10 7.23
C GLN A 54 -1.28 -3.40 6.60
N ALA A 55 -1.41 -4.27 5.60
CA ALA A 55 -2.70 -4.83 5.24
C ALA A 55 -2.86 -6.18 5.95
N PHE A 56 -1.90 -7.08 5.71
CA PHE A 56 -1.81 -8.52 5.98
C PHE A 56 -2.46 -8.89 7.30
N GLY A 57 -1.97 -8.28 8.38
CA GLY A 57 -2.44 -8.58 9.74
C GLY A 57 -2.83 -7.35 10.55
N ASN A 58 -2.90 -6.18 9.92
CA ASN A 58 -3.12 -4.91 10.61
C ASN A 58 -4.59 -4.51 10.50
N SER A 59 -5.08 -4.18 9.30
CA SER A 59 -6.48 -3.81 9.13
C SER A 59 -7.22 -4.73 8.16
N CYS A 60 -6.58 -5.20 7.09
CA CYS A 60 -7.32 -5.89 6.05
C CYS A 60 -7.67 -7.31 6.49
N LEU A 61 -8.77 -7.84 5.97
CA LEU A 61 -9.17 -9.22 6.23
C LEU A 61 -8.12 -10.17 5.70
N ASN A 62 -7.62 -9.88 4.49
CA ASN A 62 -6.58 -10.63 3.81
C ASN A 62 -5.80 -9.61 2.98
N TRP A 63 -4.48 -9.77 2.90
CA TRP A 63 -3.72 -9.18 1.81
C TRP A 63 -4.10 -9.86 0.50
N THR A 1 11.73 0.20 6.99
CA THR A 1 12.07 0.80 5.67
C THR A 1 11.43 2.18 5.56
N ASP A 2 10.09 2.26 5.74
CA ASP A 2 9.20 3.43 5.71
C ASP A 2 8.62 3.59 4.28
N PRO A 3 7.37 4.01 4.08
CA PRO A 3 6.80 4.24 2.75
C PRO A 3 7.44 5.44 2.06
N GLU A 4 8.15 6.27 2.82
CA GLU A 4 8.76 7.49 2.32
C GLU A 4 9.69 7.22 1.13
N GLU A 5 10.62 6.26 1.24
CA GLU A 5 11.73 6.17 0.30
C GLU A 5 11.44 5.18 -0.86
N HIS A 6 10.22 4.70 -0.98
CA HIS A 6 9.79 3.64 -1.86
C HIS A 6 8.47 4.09 -2.48
N PHE A 7 8.41 4.34 -3.78
CA PHE A 7 7.23 4.94 -4.39
C PHE A 7 7.23 4.69 -5.89
N ASP A 8 6.77 3.50 -6.30
CA ASP A 8 6.77 3.12 -7.71
C ASP A 8 5.35 2.71 -8.13
N PRO A 9 4.46 3.70 -8.39
CA PRO A 9 3.10 3.43 -8.79
C PRO A 9 2.99 2.91 -10.21
N ASN A 10 2.10 1.95 -10.42
CA ASN A 10 1.59 1.60 -11.74
C ASN A 10 0.35 2.46 -12.00
N THR A 11 -0.22 2.31 -13.20
CA THR A 11 -1.38 3.05 -13.67
C THR A 11 -2.62 2.97 -12.77
N ASN A 12 -2.74 1.96 -11.90
CA ASN A 12 -3.93 1.82 -11.06
C ASN A 12 -3.86 2.69 -9.80
N CYS A 13 -2.68 3.22 -9.45
CA CYS A 13 -2.55 4.23 -8.42
C CYS A 13 -3.13 5.57 -8.91
N ASP A 14 -3.30 6.50 -7.98
CA ASP A 14 -3.46 7.93 -8.26
C ASP A 14 -2.66 8.78 -7.26
N TYR A 15 -2.56 8.33 -6.00
CA TYR A 15 -2.06 9.15 -4.90
C TYR A 15 -0.54 9.16 -4.86
N THR A 16 0.06 10.34 -5.01
CA THR A 16 1.51 10.49 -5.12
C THR A 16 2.14 11.14 -3.87
N ASN A 17 1.54 10.99 -2.69
CA ASN A 17 2.08 11.49 -1.42
C ASN A 17 3.03 10.51 -0.72
N SER A 18 2.50 9.45 -0.15
CA SER A 18 3.05 8.44 0.76
C SER A 18 1.91 8.10 1.70
N GLN A 19 1.43 9.05 2.52
CA GLN A 19 0.59 8.71 3.67
C GLN A 19 -0.81 8.27 3.26
N ASP A 20 -1.47 9.00 2.35
CA ASP A 20 -2.80 8.65 1.85
C ASP A 20 -2.71 7.33 1.08
N ALA A 21 -1.70 7.20 0.22
CA ALA A 21 -1.43 5.98 -0.54
C ALA A 21 -1.29 4.77 0.41
N TRP A 22 -0.43 4.89 1.42
CA TRP A 22 -0.22 3.91 2.48
C TRP A 22 -1.56 3.62 3.13
N ASP A 23 -2.25 4.62 3.71
CA ASP A 23 -3.49 4.46 4.46
C ASP A 23 -4.52 3.66 3.65
N TYR A 24 -4.70 4.05 2.39
CA TYR A 24 -5.66 3.43 1.49
C TYR A 24 -5.25 1.98 1.19
N CYS A 25 -3.96 1.76 0.95
CA CYS A 25 -3.38 0.48 0.59
C CYS A 25 -3.43 -0.54 1.73
N THR A 26 -3.15 -0.11 2.95
CA THR A 26 -3.13 -0.95 4.15
C THR A 26 -4.56 -1.21 4.66
N ASN A 27 -5.57 -0.62 4.02
CA ASN A 27 -6.97 -0.58 4.43
C ASN A 27 -7.15 0.11 5.78
N TYR A 28 -6.21 0.98 6.16
CA TYR A 28 -6.40 1.97 7.21
C TYR A 28 -7.60 2.87 6.86
N ILE A 29 -7.87 3.03 5.56
CA ILE A 29 -8.99 3.78 5.01
C ILE A 29 -9.64 2.84 4.00
N VAL A 30 -10.85 2.37 4.28
CA VAL A 30 -11.60 1.51 3.36
C VAL A 30 -11.85 2.27 2.06
N ASN A 31 -11.40 1.71 0.93
CA ASN A 31 -11.59 2.36 -0.36
C ASN A 31 -11.70 1.34 -1.48
N SER A 32 -10.81 0.35 -1.53
CA SER A 32 -10.73 -0.59 -2.63
C SER A 32 -10.24 -1.92 -2.08
N SER A 33 -9.78 -2.79 -2.98
CA SER A 33 -9.36 -4.14 -2.66
C SER A 33 -8.08 -4.19 -1.83
N CYS A 34 -7.44 -3.05 -1.54
CA CYS A 34 -6.26 -2.89 -0.72
C CYS A 34 -5.21 -3.99 -1.01
N GLY A 35 -4.49 -4.45 0.01
CA GLY A 35 -3.76 -5.70 -0.07
C GLY A 35 -2.43 -5.56 -0.82
N GLU A 36 -1.76 -6.70 -1.00
CA GLU A 36 -0.46 -6.77 -1.65
C GLU A 36 -0.51 -6.25 -3.07
N ILE A 37 -1.62 -6.45 -3.78
CA ILE A 37 -1.79 -5.93 -5.14
C ILE A 37 -1.70 -4.41 -5.10
N CYS A 38 -2.41 -3.75 -4.18
CA CYS A 38 -2.31 -2.31 -4.07
C CYS A 38 -0.88 -1.90 -3.73
N CYS A 39 -0.20 -2.64 -2.85
CA CYS A 39 1.19 -2.40 -2.54
C CYS A 39 2.02 -2.46 -3.82
N ASN A 40 1.91 -3.57 -4.56
CA ASN A 40 2.58 -3.91 -5.80
C ASN A 40 2.28 -2.91 -6.91
N ASP A 41 1.21 -2.12 -6.78
CA ASP A 41 0.78 -1.13 -7.75
C ASP A 41 1.03 0.30 -7.26
N CYS A 42 1.59 0.53 -6.07
CA CYS A 42 1.89 1.87 -5.53
C CYS A 42 3.29 2.03 -4.93
N PHE A 43 3.97 0.94 -4.56
CA PHE A 43 5.20 0.97 -3.78
C PHE A 43 6.17 -0.03 -4.39
N ASP A 44 7.42 0.39 -4.53
CA ASP A 44 8.57 -0.48 -4.86
C ASP A 44 8.56 -1.61 -3.82
N GLU A 45 9.12 -2.78 -4.17
CA GLU A 45 8.75 -4.02 -3.49
C GLU A 45 9.17 -4.03 -2.01
N THR A 46 10.24 -3.32 -1.66
CA THR A 46 10.71 -3.19 -0.29
C THR A 46 9.72 -2.37 0.55
N GLY A 47 9.19 -1.27 -0.02
CA GLY A 47 8.07 -0.54 0.56
C GLY A 47 6.89 -1.47 0.71
N THR A 48 6.54 -2.18 -0.37
CA THR A 48 5.52 -3.20 -0.35
C THR A 48 5.72 -4.16 0.83
N GLY A 49 6.91 -4.70 1.13
CA GLY A 49 7.01 -5.68 2.20
C GLY A 49 6.63 -5.13 3.58
N ALA A 50 6.69 -3.80 3.79
CA ALA A 50 6.14 -3.14 4.97
C ALA A 50 4.62 -3.02 4.86
N CYS A 51 4.16 -2.51 3.71
CA CYS A 51 2.79 -2.15 3.46
C CYS A 51 1.93 -3.41 3.47
N ARG A 52 2.48 -4.52 2.95
CA ARG A 52 1.89 -5.84 2.98
C ARG A 52 1.60 -6.22 4.40
N ALA A 53 2.55 -6.10 5.35
CA ALA A 53 2.27 -6.46 6.74
C ALA A 53 1.04 -5.68 7.24
N GLN A 54 1.05 -4.35 7.07
CA GLN A 54 -0.07 -3.47 7.43
C GLN A 54 -1.34 -3.76 6.57
N ALA A 55 -1.28 -4.64 5.57
CA ALA A 55 -2.39 -5.02 4.70
C ALA A 55 -2.64 -6.55 4.75
N PHE A 56 -1.97 -7.31 5.60
CA PHE A 56 -1.98 -8.77 5.69
C PHE A 56 -2.49 -9.16 7.07
N GLY A 57 -1.85 -8.57 8.09
CA GLY A 57 -2.08 -8.85 9.50
C GLY A 57 -2.42 -7.56 10.25
N ASN A 58 -3.39 -6.80 9.73
CA ASN A 58 -3.78 -5.50 10.30
C ASN A 58 -5.26 -5.20 10.03
N SER A 59 -5.61 -4.56 8.90
CA SER A 59 -6.97 -4.10 8.59
C SER A 59 -7.57 -4.67 7.31
N CYS A 60 -6.74 -5.02 6.34
CA CYS A 60 -7.19 -5.82 5.21
C CYS A 60 -7.16 -7.27 5.71
N LEU A 61 -8.31 -7.95 5.70
CA LEU A 61 -8.44 -9.31 6.23
C LEU A 61 -7.48 -10.26 5.50
N ASN A 62 -7.37 -10.12 4.18
CA ASN A 62 -6.55 -10.95 3.32
C ASN A 62 -6.06 -10.06 2.21
N TRP A 63 -4.74 -9.84 2.18
CA TRP A 63 -4.01 -9.02 1.23
C TRP A 63 -4.24 -9.42 -0.23
N THR A 1 11.14 -2.16 6.27
CA THR A 1 11.47 -0.80 5.79
C THR A 1 10.37 0.15 6.24
N ASP A 2 10.28 1.33 5.62
CA ASP A 2 9.29 2.37 5.80
C ASP A 2 8.80 2.79 4.40
N PRO A 3 7.56 3.27 4.22
CA PRO A 3 7.07 3.73 2.92
C PRO A 3 7.76 5.00 2.45
N GLU A 4 8.37 5.73 3.37
CA GLU A 4 8.94 7.06 3.15
C GLU A 4 9.77 7.15 1.86
N GLU A 5 10.64 6.16 1.64
CA GLU A 5 11.64 6.18 0.56
C GLU A 5 11.27 5.34 -0.65
N HIS A 6 10.03 4.83 -0.69
CA HIS A 6 9.63 3.75 -1.57
C HIS A 6 8.35 4.16 -2.27
N PHE A 7 8.44 4.50 -3.55
CA PHE A 7 7.33 5.03 -4.31
C PHE A 7 7.58 4.78 -5.79
N ASP A 8 6.81 3.90 -6.43
CA ASP A 8 6.99 3.55 -7.83
C ASP A 8 5.62 3.19 -8.47
N PRO A 9 4.68 4.15 -8.59
CA PRO A 9 3.34 3.90 -9.07
C PRO A 9 3.32 3.41 -10.52
N ASN A 10 2.14 2.93 -10.91
CA ASN A 10 1.73 2.66 -12.28
C ASN A 10 0.29 3.16 -12.45
N THR A 11 -0.28 2.99 -13.64
CA THR A 11 -1.58 3.54 -14.01
C THR A 11 -2.74 3.01 -13.16
N ASN A 12 -2.55 1.90 -12.45
CA ASN A 12 -3.50 1.40 -11.46
C ASN A 12 -3.70 2.41 -10.34
N CYS A 13 -2.65 3.16 -10.01
CA CYS A 13 -2.56 4.12 -8.94
C CYS A 13 -2.53 5.53 -9.52
N ASP A 14 -2.74 6.54 -8.66
CA ASP A 14 -2.83 7.95 -9.05
C ASP A 14 -2.15 8.82 -8.00
N TYR A 15 -2.39 8.53 -6.71
CA TYR A 15 -1.96 9.30 -5.55
C TYR A 15 -0.44 9.50 -5.57
N THR A 16 0.00 10.68 -5.10
CA THR A 16 1.40 11.12 -5.09
C THR A 16 1.85 11.51 -3.68
N ASN A 17 1.34 10.81 -2.65
CA ASN A 17 1.79 11.01 -1.26
C ASN A 17 1.93 9.66 -0.59
N SER A 18 3.05 9.42 0.09
CA SER A 18 3.34 8.13 0.71
C SER A 18 2.22 7.71 1.67
N GLN A 19 1.79 8.61 2.57
CA GLN A 19 0.79 8.31 3.59
C GLN A 19 -0.57 7.95 2.99
N ASP A 20 -1.06 8.72 2.02
CA ASP A 20 -2.41 8.61 1.45
C ASP A 20 -2.53 7.23 0.82
N ALA A 21 -1.69 6.89 -0.16
CA ALA A 21 -1.78 5.56 -0.75
C ALA A 21 -1.52 4.49 0.31
N TRP A 22 -0.58 4.70 1.25
CA TRP A 22 -0.32 3.74 2.32
C TRP A 22 -1.60 3.45 3.11
N ASP A 23 -2.26 4.47 3.68
CA ASP A 23 -3.43 4.31 4.54
C ASP A 23 -4.49 3.52 3.78
N TYR A 24 -4.75 3.92 2.54
CA TYR A 24 -5.71 3.25 1.69
C TYR A 24 -5.28 1.79 1.48
N CYS A 25 -4.06 1.51 1.01
CA CYS A 25 -3.50 0.17 0.76
C CYS A 25 -3.64 -0.74 1.97
N THR A 26 -3.41 -0.19 3.16
CA THR A 26 -3.30 -0.88 4.43
C THR A 26 -4.67 -1.04 5.10
N ASN A 27 -5.74 -0.59 4.42
CA ASN A 27 -7.15 -0.72 4.80
C ASN A 27 -7.51 0.07 6.07
N TYR A 28 -6.58 0.90 6.54
CA TYR A 28 -6.81 2.05 7.41
C TYR A 28 -8.02 2.84 6.91
N ILE A 29 -8.19 2.93 5.58
CA ILE A 29 -9.30 3.56 4.89
C ILE A 29 -10.00 2.50 4.03
N VAL A 30 -11.26 2.23 4.34
CA VAL A 30 -12.14 1.34 3.58
C VAL A 30 -12.39 1.92 2.19
N ASN A 31 -11.83 1.27 1.17
CA ASN A 31 -11.92 1.66 -0.24
C ASN A 31 -11.93 0.48 -1.22
N SER A 32 -11.88 -0.77 -0.75
CA SER A 32 -11.82 -1.97 -1.58
C SER A 32 -10.82 -1.85 -2.74
N SER A 33 -9.53 -1.81 -2.41
CA SER A 33 -8.43 -2.04 -3.34
C SER A 33 -7.26 -2.69 -2.59
N CYS A 34 -7.16 -2.37 -1.28
CA CYS A 34 -6.24 -2.81 -0.24
C CYS A 34 -5.79 -4.28 -0.35
N GLY A 35 -4.54 -4.55 0.05
CA GLY A 35 -3.88 -5.85 -0.02
C GLY A 35 -2.54 -5.73 -0.74
N GLU A 36 -1.88 -6.87 -1.01
CA GLU A 36 -0.51 -6.91 -1.54
C GLU A 36 -0.43 -6.27 -2.92
N ILE A 37 -1.47 -6.42 -3.73
CA ILE A 37 -1.58 -5.84 -5.05
C ILE A 37 -1.61 -4.33 -4.90
N CYS A 38 -2.40 -3.79 -3.98
CA CYS A 38 -2.48 -2.35 -3.79
C CYS A 38 -1.14 -1.77 -3.35
N CYS A 39 -0.40 -2.50 -2.51
CA CYS A 39 0.98 -2.19 -2.21
C CYS A 39 1.76 -2.14 -3.52
N ASN A 40 1.82 -3.24 -4.27
CA ASN A 40 2.57 -3.38 -5.52
C ASN A 40 2.22 -2.25 -6.52
N ASP A 41 0.99 -1.76 -6.48
CA ASP A 41 0.45 -0.82 -7.45
C ASP A 41 1.03 0.58 -7.28
N CYS A 42 1.31 1.01 -6.04
CA CYS A 42 1.89 2.33 -5.75
C CYS A 42 3.36 2.21 -5.32
N PHE A 43 3.69 1.15 -4.59
CA PHE A 43 5.00 0.90 -4.02
C PHE A 43 5.73 -0.11 -4.89
N ASP A 44 7.04 0.08 -4.98
CA ASP A 44 7.99 -0.95 -5.40
C ASP A 44 7.89 -2.15 -4.46
N GLU A 45 8.45 -3.29 -4.87
CA GLU A 45 8.41 -4.51 -4.08
C GLU A 45 9.12 -4.31 -2.74
N THR A 46 10.13 -3.45 -2.70
CA THR A 46 10.88 -3.20 -1.48
C THR A 46 10.00 -2.45 -0.47
N GLY A 47 9.35 -1.35 -0.87
CA GLY A 47 8.38 -0.66 -0.02
C GLY A 47 7.22 -1.55 0.36
N THR A 48 6.75 -2.35 -0.60
CA THR A 48 5.66 -3.29 -0.42
C THR A 48 5.92 -4.18 0.78
N GLY A 49 7.13 -4.70 1.03
CA GLY A 49 7.34 -5.63 2.14
C GLY A 49 7.14 -5.01 3.54
N ALA A 50 6.84 -3.70 3.65
CA ALA A 50 6.31 -3.06 4.85
C ALA A 50 4.79 -2.88 4.72
N CYS A 51 4.32 -2.35 3.59
CA CYS A 51 2.93 -2.05 3.35
C CYS A 51 2.11 -3.33 3.42
N ARG A 52 2.69 -4.47 3.03
CA ARG A 52 2.05 -5.75 3.14
C ARG A 52 1.72 -6.09 4.57
N ALA A 53 2.65 -5.96 5.53
CA ALA A 53 2.34 -6.22 6.93
C ALA A 53 1.11 -5.41 7.32
N GLN A 54 1.18 -4.09 7.09
CA GLN A 54 0.06 -3.22 7.39
C GLN A 54 -1.21 -3.51 6.56
N ALA A 55 -1.17 -4.35 5.53
CA ALA A 55 -2.33 -4.81 4.78
C ALA A 55 -2.59 -6.31 4.96
N PHE A 56 -1.86 -7.01 5.81
CA PHE A 56 -1.93 -8.46 5.98
C PHE A 56 -2.60 -8.74 7.31
N GLY A 57 -1.99 -8.22 8.39
CA GLY A 57 -2.37 -8.55 9.77
C GLY A 57 -2.89 -7.37 10.57
N ASN A 58 -3.14 -6.22 9.93
CA ASN A 58 -3.44 -4.95 10.59
C ASN A 58 -4.96 -4.71 10.67
N SER A 59 -5.59 -4.19 9.60
CA SER A 59 -7.04 -3.97 9.55
C SER A 59 -7.67 -4.68 8.33
N CYS A 60 -6.98 -4.69 7.19
CA CYS A 60 -7.23 -5.59 6.07
C CYS A 60 -7.44 -7.02 6.57
N LEU A 61 -8.53 -7.65 6.11
CA LEU A 61 -9.00 -8.95 6.52
C LEU A 61 -7.97 -10.02 6.14
N ASN A 62 -7.58 -10.00 4.87
CA ASN A 62 -6.37 -10.56 4.29
C ASN A 62 -5.76 -9.43 3.49
N TRP A 63 -4.54 -9.65 3.00
CA TRP A 63 -3.97 -8.88 1.92
C TRP A 63 -4.69 -9.24 0.63
N THR A 1 11.28 -2.06 5.42
CA THR A 1 11.56 -0.72 4.89
C THR A 1 10.45 0.24 5.36
N ASP A 2 10.60 1.55 5.14
CA ASP A 2 9.58 2.57 5.41
C ASP A 2 9.06 3.15 4.09
N PRO A 3 7.77 3.49 3.94
CA PRO A 3 7.19 3.91 2.66
C PRO A 3 7.61 5.33 2.25
N GLU A 4 8.29 6.03 3.15
CA GLU A 4 8.80 7.36 2.92
C GLU A 4 9.65 7.44 1.66
N GLU A 5 10.53 6.45 1.50
CA GLU A 5 11.68 6.53 0.61
C GLU A 5 11.53 5.57 -0.59
N HIS A 6 10.33 5.03 -0.76
CA HIS A 6 9.96 4.01 -1.72
C HIS A 6 8.66 4.45 -2.35
N PHE A 7 8.67 4.72 -3.66
CA PHE A 7 7.49 5.10 -4.40
C PHE A 7 7.82 4.83 -5.86
N ASP A 8 7.02 4.03 -6.56
CA ASP A 8 7.13 3.91 -8.02
C ASP A 8 5.78 3.50 -8.61
N PRO A 9 4.83 4.45 -8.71
CA PRO A 9 3.46 4.18 -9.06
C PRO A 9 3.34 3.74 -10.52
N ASN A 10 2.81 2.54 -10.75
CA ASN A 10 2.47 2.08 -12.10
C ASN A 10 1.35 2.94 -12.67
N THR A 11 0.99 2.70 -13.93
CA THR A 11 -0.17 3.30 -14.61
C THR A 11 -1.50 2.73 -14.05
N ASN A 12 -1.70 2.85 -12.74
CA ASN A 12 -2.92 2.51 -12.03
C ASN A 12 -3.12 3.49 -10.87
N CYS A 13 -2.03 3.87 -10.18
CA CYS A 13 -2.10 4.65 -8.95
C CYS A 13 -2.74 6.03 -9.15
N ASP A 14 -3.46 6.47 -8.11
CA ASP A 14 -4.05 7.80 -8.01
C ASP A 14 -3.23 8.63 -7.02
N TYR A 15 -3.19 8.22 -5.74
CA TYR A 15 -2.62 9.01 -4.64
C TYR A 15 -1.11 9.13 -4.79
N THR A 16 -0.61 10.36 -4.87
CA THR A 16 0.79 10.69 -5.04
C THR A 16 1.51 10.96 -3.71
N ASN A 17 0.97 10.52 -2.58
CA ASN A 17 1.64 10.64 -1.28
C ASN A 17 1.66 9.29 -0.61
N SER A 18 2.79 8.98 0.01
CA SER A 18 3.09 7.75 0.74
C SER A 18 2.32 7.65 2.06
N GLN A 19 1.49 8.64 2.41
CA GLN A 19 0.56 8.53 3.52
C GLN A 19 -0.81 8.08 3.01
N ASP A 20 -1.44 8.86 2.13
CA ASP A 20 -2.78 8.55 1.61
C ASP A 20 -2.77 7.23 0.84
N ALA A 21 -1.83 7.03 -0.09
CA ALA A 21 -1.71 5.79 -0.83
C ALA A 21 -1.60 4.62 0.15
N TRP A 22 -0.65 4.72 1.10
CA TRP A 22 -0.38 3.71 2.10
C TRP A 22 -1.64 3.38 2.88
N ASP A 23 -2.24 4.35 3.58
CA ASP A 23 -3.39 4.13 4.46
C ASP A 23 -4.52 3.43 3.70
N TYR A 24 -4.67 3.75 2.42
CA TYR A 24 -5.68 3.09 1.61
C TYR A 24 -5.22 1.65 1.28
N CYS A 25 -3.97 1.45 0.83
CA CYS A 25 -3.39 0.11 0.60
C CYS A 25 -3.57 -0.82 1.80
N THR A 26 -3.31 -0.31 3.00
CA THR A 26 -3.24 -1.04 4.26
C THR A 26 -4.64 -1.28 4.83
N ASN A 27 -5.69 -0.75 4.18
CA ASN A 27 -7.07 -0.69 4.66
C ASN A 27 -7.11 -0.06 6.07
N TYR A 28 -6.20 0.88 6.32
CA TYR A 28 -6.36 1.87 7.37
C TYR A 28 -7.61 2.72 7.09
N ILE A 29 -7.94 2.85 5.80
CA ILE A 29 -9.10 3.54 5.24
C ILE A 29 -9.76 2.52 4.31
N VAL A 30 -11.02 2.16 4.56
CA VAL A 30 -11.81 1.31 3.67
C VAL A 30 -11.93 2.02 2.33
N ASN A 31 -11.58 1.31 1.24
CA ASN A 31 -11.55 1.84 -0.11
C ASN A 31 -11.59 0.78 -1.22
N SER A 32 -11.70 -0.51 -0.89
CA SER A 32 -11.49 -1.66 -1.79
C SER A 32 -10.03 -1.80 -2.22
N SER A 33 -9.67 -2.95 -2.80
CA SER A 33 -8.42 -3.33 -3.47
C SER A 33 -7.16 -3.29 -2.58
N CYS A 34 -7.33 -2.84 -1.34
CA CYS A 34 -6.39 -2.95 -0.24
C CYS A 34 -5.95 -4.41 -0.10
N GLY A 35 -4.68 -4.63 0.24
CA GLY A 35 -4.00 -5.90 0.06
C GLY A 35 -2.69 -5.68 -0.69
N GLU A 36 -1.95 -6.76 -0.96
CA GLU A 36 -0.60 -6.66 -1.50
C GLU A 36 -0.58 -6.09 -2.92
N ILE A 37 -1.68 -6.24 -3.64
CA ILE A 37 -1.89 -5.69 -4.98
C ILE A 37 -1.79 -4.16 -4.95
N CYS A 38 -2.51 -3.48 -4.06
CA CYS A 38 -2.47 -2.01 -4.02
C CYS A 38 -1.07 -1.54 -3.64
N CYS A 39 -0.39 -2.25 -2.72
CA CYS A 39 1.02 -2.04 -2.44
C CYS A 39 1.82 -2.14 -3.73
N ASN A 40 1.70 -3.24 -4.47
CA ASN A 40 2.41 -3.49 -5.73
C ASN A 40 2.13 -2.38 -6.75
N ASP A 41 0.90 -1.85 -6.78
CA ASP A 41 0.46 -0.84 -7.75
C ASP A 41 0.66 0.60 -7.26
N CYS A 42 1.42 0.81 -6.17
CA CYS A 42 1.88 2.14 -5.71
C CYS A 42 3.39 2.16 -5.43
N PHE A 43 3.90 1.10 -4.80
CA PHE A 43 5.20 1.00 -4.20
C PHE A 43 6.03 0.01 -4.99
N ASP A 44 7.36 0.15 -4.93
CA ASP A 44 8.24 -0.93 -5.36
C ASP A 44 8.07 -2.12 -4.42
N GLU A 45 8.73 -3.22 -4.74
CA GLU A 45 8.61 -4.45 -3.96
C GLU A 45 9.18 -4.25 -2.55
N THR A 46 10.17 -3.37 -2.39
CA THR A 46 10.78 -3.09 -1.10
C THR A 46 9.77 -2.32 -0.23
N GLY A 47 9.23 -1.21 -0.73
CA GLY A 47 8.15 -0.45 -0.09
C GLY A 47 6.96 -1.35 0.22
N THR A 48 6.61 -2.22 -0.73
CA THR A 48 5.54 -3.19 -0.59
C THR A 48 5.73 -4.05 0.65
N GLY A 49 6.91 -4.61 0.94
CA GLY A 49 7.03 -5.60 2.01
C GLY A 49 6.51 -5.09 3.36
N ALA A 50 6.71 -3.79 3.63
CA ALA A 50 6.19 -3.10 4.79
C ALA A 50 4.69 -2.89 4.69
N CYS A 51 4.23 -2.36 3.55
CA CYS A 51 2.85 -2.02 3.30
C CYS A 51 2.00 -3.27 3.38
N ARG A 52 2.55 -4.41 2.93
CA ARG A 52 1.91 -5.70 3.08
C ARG A 52 1.68 -6.02 4.53
N ALA A 53 2.65 -5.84 5.43
CA ALA A 53 2.42 -6.13 6.85
C ALA A 53 1.22 -5.35 7.37
N GLN A 54 1.20 -4.05 7.10
CA GLN A 54 0.06 -3.20 7.47
C GLN A 54 -1.22 -3.55 6.68
N ALA A 55 -1.17 -4.38 5.64
CA ALA A 55 -2.33 -4.90 4.93
C ALA A 55 -2.59 -6.38 5.26
N PHE A 56 -1.73 -7.04 6.04
CA PHE A 56 -1.72 -8.47 6.29
C PHE A 56 -2.30 -8.74 7.67
N GLY A 57 -1.49 -8.52 8.71
CA GLY A 57 -1.84 -8.80 10.10
C GLY A 57 -2.43 -7.57 10.79
N ASN A 58 -3.29 -6.83 10.09
CA ASN A 58 -3.75 -5.50 10.44
C ASN A 58 -5.23 -5.37 10.01
N SER A 59 -5.71 -4.21 9.55
CA SER A 59 -7.11 -3.96 9.26
C SER A 59 -7.71 -4.87 8.18
N CYS A 60 -7.04 -5.00 7.02
CA CYS A 60 -7.59 -5.78 5.92
C CYS A 60 -7.69 -7.25 6.35
N LEU A 61 -8.82 -7.92 6.05
CA LEU A 61 -9.05 -9.27 6.54
C LEU A 61 -8.07 -10.24 5.89
N ASN A 62 -7.84 -10.07 4.58
CA ASN A 62 -6.84 -10.77 3.79
C ASN A 62 -6.09 -9.68 3.02
N TRP A 63 -4.76 -9.78 2.94
CA TRP A 63 -3.99 -9.06 1.95
C TRP A 63 -4.26 -9.59 0.54
N THR A 1 11.84 -1.89 5.71
CA THR A 1 11.79 -0.52 5.20
C THR A 1 10.55 0.22 5.68
N ASP A 2 10.42 1.48 5.26
CA ASP A 2 9.30 2.38 5.47
C ASP A 2 8.83 2.86 4.09
N PRO A 3 7.57 3.32 3.93
CA PRO A 3 7.03 3.82 2.66
C PRO A 3 7.56 5.20 2.28
N GLU A 4 8.37 5.78 3.16
CA GLU A 4 8.96 7.09 2.94
C GLU A 4 9.87 7.09 1.71
N GLU A 5 10.87 6.21 1.72
CA GLU A 5 11.94 6.21 0.73
C GLU A 5 11.63 5.27 -0.44
N HIS A 6 10.40 4.77 -0.53
CA HIS A 6 9.97 3.76 -1.48
C HIS A 6 8.64 4.19 -2.04
N PHE A 7 8.62 4.57 -3.31
CA PHE A 7 7.45 5.04 -4.00
C PHE A 7 7.74 4.79 -5.47
N ASP A 8 6.96 3.94 -6.12
CA ASP A 8 7.09 3.72 -7.55
C ASP A 8 5.71 3.25 -8.04
N PRO A 9 4.74 4.16 -8.21
CA PRO A 9 3.42 3.80 -8.69
C PRO A 9 3.53 3.29 -10.14
N ASN A 10 2.57 2.50 -10.57
CA ASN A 10 2.31 2.25 -11.98
C ASN A 10 0.94 2.84 -12.34
N THR A 11 0.57 2.74 -13.62
CA THR A 11 -0.61 3.40 -14.17
C THR A 11 -1.94 2.93 -13.55
N ASN A 12 -1.96 1.83 -12.78
CA ASN A 12 -3.14 1.43 -12.04
C ASN A 12 -3.38 2.33 -10.80
N CYS A 13 -2.44 3.20 -10.40
CA CYS A 13 -2.48 3.99 -9.19
C CYS A 13 -2.28 5.48 -9.49
N ASP A 14 -2.57 6.35 -8.51
CA ASP A 14 -2.64 7.81 -8.68
C ASP A 14 -2.11 8.59 -7.47
N TYR A 15 -2.18 8.01 -6.26
CA TYR A 15 -1.94 8.76 -5.04
C TYR A 15 -0.44 8.97 -4.89
N THR A 16 -0.02 10.22 -4.94
CA THR A 16 1.36 10.67 -4.93
C THR A 16 1.76 11.23 -3.54
N ASN A 17 1.19 10.68 -2.46
CA ASN A 17 1.62 10.97 -1.10
C ASN A 17 1.94 9.67 -0.39
N SER A 18 3.11 9.58 0.24
CA SER A 18 3.58 8.45 1.05
C SER A 18 2.87 8.38 2.41
N GLN A 19 1.57 8.67 2.47
CA GLN A 19 0.74 8.50 3.64
C GLN A 19 -0.67 8.16 3.18
N ASP A 20 -1.32 8.97 2.33
CA ASP A 20 -2.65 8.62 1.78
C ASP A 20 -2.59 7.34 0.97
N ALA A 21 -1.59 7.18 0.10
CA ALA A 21 -1.43 5.96 -0.67
C ALA A 21 -1.37 4.77 0.29
N TRP A 22 -0.44 4.83 1.25
CA TRP A 22 -0.27 3.81 2.26
C TRP A 22 -1.60 3.54 2.98
N ASP A 23 -2.31 4.56 3.45
CA ASP A 23 -3.54 4.38 4.22
C ASP A 23 -4.56 3.59 3.41
N TYR A 24 -4.79 4.03 2.17
CA TYR A 24 -5.77 3.42 1.29
C TYR A 24 -5.32 2.01 0.87
N CYS A 25 -4.00 1.77 0.74
CA CYS A 25 -3.44 0.46 0.49
C CYS A 25 -3.73 -0.48 1.67
N THR A 26 -3.24 -0.14 2.85
CA THR A 26 -3.17 -0.94 4.08
C THR A 26 -4.56 -1.21 4.68
N ASN A 27 -5.63 -0.75 4.01
CA ASN A 27 -7.02 -0.71 4.45
C ASN A 27 -7.18 0.04 5.77
N TYR A 28 -6.28 0.98 6.03
CA TYR A 28 -6.44 1.99 7.06
C TYR A 28 -7.73 2.75 6.75
N ILE A 29 -7.89 3.14 5.48
CA ILE A 29 -9.04 3.81 4.91
C ILE A 29 -9.67 2.81 3.93
N VAL A 30 -10.87 2.38 4.22
CA VAL A 30 -11.67 1.54 3.34
C VAL A 30 -11.94 2.33 2.06
N ASN A 31 -11.75 1.65 0.93
CA ASN A 31 -11.98 2.23 -0.38
C ASN A 31 -12.23 1.12 -1.40
N SER A 32 -11.29 0.19 -1.57
CA SER A 32 -11.39 -0.94 -2.47
C SER A 32 -10.99 -2.21 -1.74
N SER A 33 -10.94 -3.35 -2.43
CA SER A 33 -10.48 -4.64 -1.93
C SER A 33 -8.98 -4.67 -1.61
N CYS A 34 -8.30 -3.51 -1.62
CA CYS A 34 -7.03 -3.23 -0.95
C CYS A 34 -6.00 -4.38 -1.10
N GLY A 35 -5.16 -4.59 -0.09
CA GLY A 35 -4.27 -5.74 -0.01
C GLY A 35 -3.00 -5.51 -0.81
N GLU A 36 -2.22 -6.57 -0.99
CA GLU A 36 -0.84 -6.54 -1.48
C GLU A 36 -0.77 -5.91 -2.88
N ILE A 37 -1.86 -6.02 -3.64
CA ILE A 37 -2.07 -5.44 -4.96
C ILE A 37 -1.93 -3.93 -4.87
N CYS A 38 -2.70 -3.29 -3.98
CA CYS A 38 -2.70 -1.84 -3.90
C CYS A 38 -1.32 -1.34 -3.49
N CYS A 39 -0.62 -2.07 -2.61
CA CYS A 39 0.78 -1.84 -2.35
C CYS A 39 1.54 -1.90 -3.67
N ASN A 40 1.52 -3.04 -4.36
CA ASN A 40 2.27 -3.27 -5.60
C ASN A 40 2.00 -2.21 -6.66
N ASP A 41 0.84 -1.57 -6.62
CA ASP A 41 0.41 -0.62 -7.62
C ASP A 41 0.85 0.80 -7.30
N CYS A 42 0.94 1.19 -6.01
CA CYS A 42 1.51 2.47 -5.61
C CYS A 42 3.01 2.39 -5.31
N PHE A 43 3.54 1.20 -5.06
CA PHE A 43 4.84 0.96 -4.48
C PHE A 43 5.57 -0.11 -5.31
N ASP A 44 6.89 0.01 -5.34
CA ASP A 44 7.85 -1.05 -5.66
C ASP A 44 7.70 -2.22 -4.67
N GLU A 45 8.49 -3.28 -4.82
CA GLU A 45 8.47 -4.47 -3.97
C GLU A 45 8.87 -4.14 -2.54
N THR A 46 9.90 -3.30 -2.35
CA THR A 46 10.56 -3.19 -1.06
C THR A 46 9.65 -2.44 -0.06
N GLY A 47 9.12 -1.29 -0.46
CA GLY A 47 8.09 -0.56 0.27
C GLY A 47 6.80 -1.38 0.36
N THR A 48 6.46 -2.15 -0.69
CA THR A 48 5.38 -3.12 -0.61
C THR A 48 5.59 -4.02 0.60
N GLY A 49 6.76 -4.60 0.84
CA GLY A 49 6.91 -5.57 1.93
C GLY A 49 6.46 -5.02 3.29
N ALA A 50 6.76 -3.76 3.55
CA ALA A 50 6.29 -3.02 4.71
C ALA A 50 4.77 -2.84 4.71
N CYS A 51 4.24 -2.42 3.57
CA CYS A 51 2.85 -2.10 3.35
C CYS A 51 2.01 -3.38 3.44
N ARG A 52 2.57 -4.53 3.03
CA ARG A 52 1.93 -5.81 3.17
C ARG A 52 1.70 -6.13 4.63
N ALA A 53 2.71 -5.98 5.51
CA ALA A 53 2.50 -6.22 6.94
C ALA A 53 1.31 -5.40 7.44
N GLN A 54 1.27 -4.13 7.05
CA GLN A 54 0.19 -3.22 7.42
C GLN A 54 -1.19 -3.56 6.81
N ALA A 55 -1.30 -4.50 5.89
CA ALA A 55 -2.59 -5.08 5.55
C ALA A 55 -2.73 -6.41 6.28
N PHE A 56 -1.75 -7.30 6.07
CA PHE A 56 -1.64 -8.67 6.52
C PHE A 56 -2.06 -8.79 7.99
N GLY A 57 -1.27 -8.22 8.91
CA GLY A 57 -1.50 -8.38 10.33
C GLY A 57 -2.36 -7.29 10.98
N ASN A 58 -2.55 -6.16 10.29
CA ASN A 58 -2.94 -4.90 10.92
C ASN A 58 -4.45 -4.64 10.88
N SER A 59 -5.03 -4.33 9.71
CA SER A 59 -6.47 -4.08 9.57
C SER A 59 -7.16 -4.88 8.47
N CYS A 60 -6.51 -5.06 7.33
CA CYS A 60 -7.12 -5.64 6.15
C CYS A 60 -7.38 -7.13 6.42
N LEU A 61 -8.61 -7.59 6.20
CA LEU A 61 -9.13 -8.93 6.50
C LEU A 61 -8.18 -10.00 5.98
N ASN A 62 -7.85 -9.91 4.69
CA ASN A 62 -6.79 -10.66 4.02
C ASN A 62 -6.03 -9.63 3.17
N TRP A 63 -4.71 -9.75 3.13
CA TRP A 63 -3.89 -9.03 2.15
C TRP A 63 -4.21 -9.47 0.72
N THR A 1 12.81 0.45 6.25
CA THR A 1 12.63 1.01 4.90
C THR A 1 11.74 2.27 4.94
N ASP A 2 10.60 2.23 5.67
CA ASP A 2 9.57 3.29 5.72
C ASP A 2 8.85 3.43 4.36
N PRO A 3 7.60 3.91 4.27
CA PRO A 3 7.01 4.31 2.99
C PRO A 3 7.64 5.61 2.46
N GLU A 4 8.37 6.32 3.31
CA GLU A 4 9.07 7.58 3.00
C GLU A 4 9.81 7.50 1.66
N GLU A 5 10.63 6.47 1.48
CA GLU A 5 11.63 6.41 0.43
C GLU A 5 11.25 5.37 -0.63
N HIS A 6 9.95 5.08 -0.73
CA HIS A 6 9.42 4.06 -1.63
C HIS A 6 8.12 4.52 -2.25
N PHE A 7 8.15 4.82 -3.54
CA PHE A 7 7.01 4.90 -4.44
C PHE A 7 7.42 4.15 -5.70
N ASP A 8 6.56 3.28 -6.21
CA ASP A 8 6.62 2.77 -7.59
C ASP A 8 5.16 2.64 -8.06
N PRO A 9 4.44 3.75 -8.28
CA PRO A 9 3.04 3.69 -8.63
C PRO A 9 2.88 3.26 -10.07
N ASN A 10 2.17 2.15 -10.27
CA ASN A 10 1.78 1.71 -11.61
C ASN A 10 0.71 2.67 -12.16
N THR A 11 0.23 2.35 -13.36
CA THR A 11 -0.89 2.98 -14.06
C THR A 11 -2.25 2.75 -13.34
N ASN A 12 -2.23 2.48 -12.03
CA ASN A 12 -3.31 1.97 -11.21
C ASN A 12 -3.38 2.75 -9.88
N CYS A 13 -2.35 3.47 -9.45
CA CYS A 13 -2.40 4.36 -8.28
C CYS A 13 -3.12 5.66 -8.64
N ASP A 14 -3.29 6.56 -7.67
CA ASP A 14 -3.59 7.98 -7.91
C ASP A 14 -2.75 8.87 -7.01
N TYR A 15 -2.79 8.62 -5.70
CA TYR A 15 -2.13 9.44 -4.69
C TYR A 15 -0.61 9.44 -4.85
N THR A 16 0.01 10.54 -4.45
CA THR A 16 1.46 10.72 -4.46
C THR A 16 1.99 11.10 -3.07
N ASN A 17 1.29 10.73 -2.00
CA ASN A 17 1.76 10.91 -0.62
C ASN A 17 1.99 9.52 -0.05
N SER A 18 2.98 9.43 0.84
CA SER A 18 3.41 8.22 1.50
C SER A 18 2.41 7.76 2.56
N GLN A 19 1.51 8.65 3.01
CA GLN A 19 0.47 8.29 3.97
C GLN A 19 -0.84 8.00 3.26
N ASP A 20 -1.30 8.82 2.30
CA ASP A 20 -2.58 8.60 1.63
C ASP A 20 -2.55 7.26 0.87
N ALA A 21 -1.56 7.05 -0.01
CA ALA A 21 -1.51 5.82 -0.79
C ALA A 21 -1.45 4.60 0.13
N TRP A 22 -0.57 4.65 1.13
CA TRP A 22 -0.39 3.63 2.15
C TRP A 22 -1.72 3.34 2.84
N ASP A 23 -2.38 4.34 3.41
CA ASP A 23 -3.57 4.18 4.23
C ASP A 23 -4.63 3.45 3.43
N TYR A 24 -4.82 3.82 2.16
CA TYR A 24 -5.81 3.20 1.31
C TYR A 24 -5.37 1.75 1.00
N CYS A 25 -4.11 1.52 0.61
CA CYS A 25 -3.57 0.17 0.35
C CYS A 25 -3.76 -0.79 1.53
N THR A 26 -3.49 -0.30 2.73
CA THR A 26 -3.38 -1.08 3.97
C THR A 26 -4.77 -1.30 4.59
N ASN A 27 -5.83 -0.78 3.94
CA ASN A 27 -7.21 -0.74 4.41
C ASN A 27 -7.28 -0.03 5.77
N TYR A 28 -6.45 0.99 5.95
CA TYR A 28 -6.68 2.03 6.94
C TYR A 28 -7.93 2.81 6.55
N ILE A 29 -8.12 3.03 5.24
CA ILE A 29 -9.26 3.71 4.65
C ILE A 29 -9.90 2.70 3.71
N VAL A 30 -11.10 2.24 4.06
CA VAL A 30 -11.89 1.27 3.32
C VAL A 30 -12.36 1.87 2.00
N ASN A 31 -11.73 1.44 0.91
CA ASN A 31 -11.88 2.08 -0.40
C ASN A 31 -12.10 1.04 -1.48
N SER A 32 -11.27 0.00 -1.52
CA SER A 32 -11.17 -0.93 -2.64
C SER A 32 -10.86 -2.35 -2.15
N SER A 33 -10.53 -3.27 -3.07
CA SER A 33 -9.99 -4.59 -2.74
C SER A 33 -8.63 -4.51 -2.01
N CYS A 34 -8.03 -3.32 -1.85
CA CYS A 34 -6.80 -3.06 -1.10
C CYS A 34 -5.74 -4.16 -1.32
N GLY A 35 -4.99 -4.54 -0.29
CA GLY A 35 -4.20 -5.76 -0.26
C GLY A 35 -2.81 -5.57 -0.85
N GLU A 36 -2.06 -6.67 -0.94
CA GLU A 36 -0.71 -6.70 -1.49
C GLU A 36 -0.66 -6.18 -2.91
N ILE A 37 -1.73 -6.40 -3.68
CA ILE A 37 -1.89 -5.91 -5.03
C ILE A 37 -1.80 -4.38 -5.01
N CYS A 38 -2.53 -3.75 -4.10
CA CYS A 38 -2.56 -2.31 -4.04
C CYS A 38 -1.16 -1.77 -3.70
N CYS A 39 -0.42 -2.47 -2.84
CA CYS A 39 1.00 -2.23 -2.59
C CYS A 39 1.82 -2.40 -3.88
N ASN A 40 1.68 -3.53 -4.58
CA ASN A 40 2.35 -3.86 -5.84
C ASN A 40 2.06 -2.85 -6.95
N ASP A 41 0.99 -2.05 -6.78
CA ASP A 41 0.53 -1.01 -7.69
C ASP A 41 0.89 0.40 -7.19
N CYS A 42 1.58 0.55 -6.05
CA CYS A 42 1.98 1.83 -5.44
C CYS A 42 3.44 1.90 -5.02
N PHE A 43 4.05 0.77 -4.65
CA PHE A 43 5.33 0.69 -3.94
C PHE A 43 6.17 -0.39 -4.59
N ASP A 44 7.49 -0.16 -4.68
CA ASP A 44 8.43 -1.21 -5.09
C ASP A 44 8.30 -2.36 -4.12
N GLU A 45 8.78 -3.55 -4.49
CA GLU A 45 8.63 -4.75 -3.70
C GLU A 45 9.15 -4.61 -2.27
N THR A 46 10.21 -3.81 -2.07
CA THR A 46 10.73 -3.48 -0.75
C THR A 46 9.71 -2.69 0.07
N GLY A 47 9.20 -1.57 -0.45
CA GLY A 47 8.21 -0.75 0.24
C GLY A 47 6.90 -1.51 0.41
N THR A 48 6.54 -2.30 -0.60
CA THR A 48 5.46 -3.24 -0.55
C THR A 48 5.63 -4.14 0.65
N GLY A 49 6.80 -4.72 0.95
CA GLY A 49 6.88 -5.69 2.05
C GLY A 49 6.43 -5.11 3.40
N ALA A 50 6.64 -3.82 3.63
CA ALA A 50 6.13 -3.10 4.80
C ALA A 50 4.63 -2.88 4.71
N CYS A 51 4.17 -2.41 3.55
CA CYS A 51 2.79 -2.06 3.29
C CYS A 51 1.93 -3.32 3.36
N ARG A 52 2.47 -4.44 2.88
CA ARG A 52 1.87 -5.75 3.01
C ARG A 52 1.73 -6.12 4.47
N ALA A 53 2.71 -5.89 5.34
CA ALA A 53 2.48 -6.15 6.77
C ALA A 53 1.27 -5.38 7.28
N GLN A 54 1.16 -4.12 6.89
CA GLN A 54 0.02 -3.25 7.23
C GLN A 54 -1.27 -3.66 6.48
N ALA A 55 -1.23 -4.59 5.54
CA ALA A 55 -2.40 -5.17 4.89
C ALA A 55 -2.57 -6.67 5.16
N PHE A 56 -1.65 -7.29 5.89
CA PHE A 56 -1.63 -8.73 6.13
C PHE A 56 -2.14 -8.94 7.55
N GLY A 57 -1.46 -8.33 8.52
CA GLY A 57 -1.66 -8.51 9.95
C GLY A 57 -2.14 -7.26 10.69
N ASN A 58 -2.78 -6.30 10.01
CA ASN A 58 -3.16 -4.99 10.56
C ASN A 58 -4.65 -4.72 10.36
N SER A 59 -5.14 -4.54 9.13
CA SER A 59 -6.54 -4.28 8.84
C SER A 59 -7.08 -5.02 7.62
N CYS A 60 -6.44 -4.89 6.46
CA CYS A 60 -6.94 -5.48 5.22
C CYS A 60 -7.12 -6.99 5.43
N LEU A 61 -8.35 -7.47 5.20
CA LEU A 61 -8.80 -8.65 5.91
C LEU A 61 -8.08 -9.90 5.46
N ASN A 62 -7.80 -10.01 4.16
CA ASN A 62 -6.71 -10.77 3.57
C ASN A 62 -6.03 -9.83 2.60
N TRP A 63 -4.70 -9.92 2.52
CA TRP A 63 -3.89 -9.17 1.59
C TRP A 63 -4.14 -9.63 0.16
N THR A 1 12.31 -0.47 5.48
CA THR A 1 11.81 0.19 4.27
C THR A 1 11.42 1.63 4.62
N ASP A 2 10.30 1.79 5.35
CA ASP A 2 9.55 3.01 5.62
C ASP A 2 8.83 3.49 4.35
N PRO A 3 7.62 4.04 4.44
CA PRO A 3 6.82 4.46 3.30
C PRO A 3 7.26 5.81 2.72
N GLU A 4 8.25 6.45 3.33
CA GLU A 4 8.79 7.73 2.91
C GLU A 4 9.21 7.69 1.43
N GLU A 5 9.81 6.58 1.02
CA GLU A 5 10.37 6.30 -0.27
C GLU A 5 9.84 4.96 -0.75
N HIS A 6 10.55 4.35 -1.69
CA HIS A 6 10.18 3.18 -2.44
C HIS A 6 8.87 3.40 -3.22
N PHE A 7 8.58 4.65 -3.60
CA PHE A 7 7.48 4.99 -4.49
C PHE A 7 7.94 4.51 -5.86
N ASP A 8 7.28 3.51 -6.44
CA ASP A 8 7.54 3.07 -7.81
C ASP A 8 6.21 2.72 -8.48
N PRO A 9 5.33 3.71 -8.70
CA PRO A 9 3.94 3.47 -9.05
C PRO A 9 3.80 2.98 -10.49
N ASN A 10 2.87 2.07 -10.72
CA ASN A 10 2.47 1.70 -12.07
C ASN A 10 1.35 2.64 -12.57
N THR A 11 0.85 2.36 -13.77
CA THR A 11 -0.18 3.11 -14.48
C THR A 11 -1.58 3.01 -13.84
N ASN A 12 -1.70 2.64 -12.57
CA ASN A 12 -2.96 2.59 -11.84
C ASN A 12 -2.89 3.26 -10.46
N CYS A 13 -1.71 3.67 -9.96
CA CYS A 13 -1.64 4.54 -8.78
C CYS A 13 -1.97 5.98 -9.17
N ASP A 14 -2.96 6.61 -8.52
CA ASP A 14 -3.31 8.01 -8.74
C ASP A 14 -3.07 8.86 -7.49
N TYR A 15 -2.83 8.22 -6.34
CA TYR A 15 -2.44 8.89 -5.11
C TYR A 15 -0.94 9.05 -5.07
N THR A 16 -0.47 10.30 -5.12
CA THR A 16 0.95 10.59 -5.18
C THR A 16 1.52 11.00 -3.81
N ASN A 17 0.84 10.64 -2.70
CA ASN A 17 1.34 10.91 -1.36
C ASN A 17 1.57 9.57 -0.69
N SER A 18 2.67 9.47 0.04
CA SER A 18 3.12 8.29 0.77
C SER A 18 2.16 7.95 1.90
N GLN A 19 1.55 8.94 2.54
CA GLN A 19 0.62 8.72 3.63
C GLN A 19 -0.70 8.15 3.12
N ASP A 20 -1.36 8.83 2.18
CA ASP A 20 -2.67 8.41 1.67
C ASP A 20 -2.54 7.03 1.06
N ALA A 21 -1.63 6.86 0.10
CA ALA A 21 -1.43 5.57 -0.56
C ALA A 21 -1.19 4.47 0.47
N TRP A 22 -0.26 4.68 1.42
CA TRP A 22 0.00 3.72 2.49
C TRP A 22 -1.28 3.38 3.23
N ASP A 23 -1.97 4.37 3.81
CA ASP A 23 -3.18 4.17 4.60
C ASP A 23 -4.13 3.28 3.77
N TYR A 24 -4.44 3.69 2.54
CA TYR A 24 -5.53 3.10 1.78
C TYR A 24 -5.14 1.67 1.39
N CYS A 25 -3.89 1.45 0.93
CA CYS A 25 -3.34 0.13 0.62
C CYS A 25 -3.39 -0.80 1.83
N THR A 26 -3.23 -0.26 3.04
CA THR A 26 -3.12 -1.02 4.28
C THR A 26 -4.49 -1.22 4.94
N ASN A 27 -5.58 -0.87 4.24
CA ASN A 27 -6.96 -0.91 4.72
C ASN A 27 -7.12 -0.14 6.04
N TYR A 28 -6.32 0.90 6.26
CA TYR A 28 -6.47 1.77 7.42
C TYR A 28 -7.86 2.43 7.35
N ILE A 29 -8.27 2.79 6.14
CA ILE A 29 -9.53 3.38 5.73
C ILE A 29 -10.04 2.37 4.70
N VAL A 30 -11.14 1.67 4.97
CA VAL A 30 -11.79 0.83 3.97
C VAL A 30 -12.08 1.67 2.73
N ASN A 31 -11.67 1.17 1.56
CA ASN A 31 -11.78 1.87 0.29
C ASN A 31 -11.91 0.91 -0.91
N SER A 32 -12.06 -0.40 -0.68
CA SER A 32 -11.74 -1.46 -1.64
C SER A 32 -10.26 -1.43 -2.02
N SER A 33 -9.83 -2.29 -2.94
CA SER A 33 -8.60 -2.27 -3.72
C SER A 33 -7.36 -2.67 -2.91
N CYS A 34 -7.46 -2.59 -1.58
CA CYS A 34 -6.37 -2.77 -0.63
C CYS A 34 -5.88 -4.22 -0.65
N GLY A 35 -4.84 -4.50 0.13
CA GLY A 35 -4.09 -5.74 0.04
C GLY A 35 -2.83 -5.54 -0.78
N GLU A 36 -2.09 -6.61 -1.02
CA GLU A 36 -0.69 -6.53 -1.45
C GLU A 36 -0.52 -5.97 -2.86
N ILE A 37 -1.53 -6.19 -3.71
CA ILE A 37 -1.56 -5.68 -5.07
C ILE A 37 -1.58 -4.15 -5.03
N CYS A 38 -2.32 -3.56 -4.09
CA CYS A 38 -2.38 -2.11 -3.92
C CYS A 38 -0.99 -1.57 -3.58
N CYS A 39 -0.24 -2.28 -2.73
CA CYS A 39 1.16 -1.98 -2.51
C CYS A 39 1.92 -2.04 -3.81
N ASN A 40 1.85 -3.17 -4.53
CA ASN A 40 2.66 -3.44 -5.72
C ASN A 40 2.42 -2.39 -6.80
N ASP A 41 1.18 -1.88 -6.86
CA ASP A 41 0.70 -0.94 -7.86
C ASP A 41 1.25 0.48 -7.61
N CYS A 42 1.85 0.74 -6.45
CA CYS A 42 2.17 2.09 -5.98
C CYS A 42 3.61 2.17 -5.42
N PHE A 43 3.97 1.26 -4.53
CA PHE A 43 5.30 1.11 -3.96
C PHE A 43 6.10 0.10 -4.80
N ASP A 44 7.44 0.10 -4.66
CA ASP A 44 8.26 -1.01 -5.12
C ASP A 44 7.84 -2.27 -4.36
N GLU A 45 8.43 -3.40 -4.75
CA GLU A 45 8.47 -4.63 -3.98
C GLU A 45 9.02 -4.37 -2.57
N THR A 46 10.03 -3.51 -2.47
CA THR A 46 10.72 -3.18 -1.24
C THR A 46 9.80 -2.40 -0.29
N GLY A 47 9.09 -1.38 -0.78
CA GLY A 47 8.12 -0.64 0.02
C GLY A 47 6.95 -1.55 0.38
N THR A 48 6.52 -2.35 -0.59
CA THR A 48 5.45 -3.31 -0.46
C THR A 48 5.65 -4.21 0.75
N GLY A 49 6.82 -4.79 1.00
CA GLY A 49 6.93 -5.80 2.04
C GLY A 49 6.54 -5.31 3.43
N ALA A 50 6.59 -4.00 3.68
CA ALA A 50 6.10 -3.37 4.90
C ALA A 50 4.59 -3.10 4.82
N CYS A 51 4.16 -2.55 3.69
CA CYS A 51 2.79 -2.16 3.43
C CYS A 51 1.91 -3.40 3.53
N ARG A 52 2.39 -4.53 2.99
CA ARG A 52 1.75 -5.82 3.13
C ARG A 52 1.52 -6.14 4.58
N ALA A 53 2.50 -5.99 5.49
CA ALA A 53 2.28 -6.28 6.91
C ALA A 53 1.12 -5.47 7.47
N GLN A 54 1.10 -4.17 7.17
CA GLN A 54 0.05 -3.27 7.62
C GLN A 54 -1.31 -3.55 6.95
N ALA A 55 -1.41 -4.41 5.94
CA ALA A 55 -2.68 -5.02 5.55
C ALA A 55 -2.84 -6.35 6.29
N PHE A 56 -1.94 -7.29 5.95
CA PHE A 56 -1.90 -8.70 6.28
C PHE A 56 -2.32 -8.96 7.73
N GLY A 57 -1.56 -8.38 8.66
CA GLY A 57 -1.66 -8.61 10.09
C GLY A 57 -1.96 -7.30 10.83
N ASN A 58 -2.90 -6.51 10.30
CA ASN A 58 -3.35 -5.27 10.91
C ASN A 58 -4.85 -5.14 10.62
N SER A 59 -5.25 -4.43 9.57
CA SER A 59 -6.63 -3.99 9.36
C SER A 59 -7.31 -4.58 8.12
N CYS A 60 -6.56 -5.21 7.21
CA CYS A 60 -7.15 -5.73 5.99
C CYS A 60 -7.73 -7.12 6.29
N LEU A 61 -8.83 -7.46 5.63
CA LEU A 61 -9.50 -8.74 5.83
C LEU A 61 -8.59 -9.86 5.32
N ASN A 62 -8.31 -9.85 4.02
CA ASN A 62 -7.33 -10.71 3.36
C ASN A 62 -6.50 -9.79 2.46
N TRP A 63 -5.17 -9.84 2.62
CA TRP A 63 -4.24 -9.13 1.76
C TRP A 63 -4.36 -9.62 0.31
N THR A 1 11.54 -2.04 6.09
CA THR A 1 11.60 -0.80 5.31
C THR A 1 10.44 0.10 5.77
N ASP A 2 10.43 1.36 5.34
CA ASP A 2 9.45 2.39 5.62
C ASP A 2 8.83 2.85 4.28
N PRO A 3 7.61 3.41 4.24
CA PRO A 3 7.04 3.95 2.99
C PRO A 3 7.72 5.24 2.55
N GLU A 4 8.55 5.83 3.42
CA GLU A 4 9.07 7.17 3.29
C GLU A 4 9.97 7.32 2.05
N GLU A 5 10.83 6.33 1.77
CA GLU A 5 11.88 6.41 0.75
C GLU A 5 11.60 5.55 -0.48
N HIS A 6 10.38 5.02 -0.61
CA HIS A 6 10.01 4.07 -1.66
C HIS A 6 8.69 4.53 -2.27
N PHE A 7 8.70 4.83 -3.56
CA PHE A 7 7.52 5.03 -4.38
C PHE A 7 7.86 4.34 -5.71
N ASP A 8 6.93 3.64 -6.35
CA ASP A 8 7.08 3.25 -7.76
C ASP A 8 5.69 3.03 -8.37
N PRO A 9 4.96 4.12 -8.69
CA PRO A 9 3.60 4.01 -9.19
C PRO A 9 3.61 3.51 -10.62
N ASN A 10 3.19 2.27 -10.86
CA ASN A 10 2.88 1.85 -12.24
C ASN A 10 1.60 2.54 -12.70
N THR A 11 1.24 2.35 -13.97
CA THR A 11 0.15 3.06 -14.65
C THR A 11 -1.25 2.57 -14.23
N ASN A 12 -1.44 2.39 -12.92
CA ASN A 12 -2.70 2.12 -12.24
C ASN A 12 -2.89 3.11 -11.09
N CYS A 13 -1.79 3.53 -10.43
CA CYS A 13 -1.82 4.40 -9.27
C CYS A 13 -2.42 5.77 -9.56
N ASP A 14 -3.15 6.30 -8.58
CA ASP A 14 -3.61 7.71 -8.57
C ASP A 14 -3.07 8.45 -7.34
N TYR A 15 -2.85 7.78 -6.20
CA TYR A 15 -2.47 8.46 -4.97
C TYR A 15 -0.97 8.75 -5.00
N THR A 16 -0.64 10.01 -4.79
CA THR A 16 0.67 10.57 -5.03
C THR A 16 1.20 11.21 -3.75
N ASN A 17 1.01 10.52 -2.62
CA ASN A 17 1.72 10.81 -1.37
C ASN A 17 1.95 9.47 -0.67
N SER A 18 3.01 9.36 0.12
CA SER A 18 3.32 8.16 0.91
C SER A 18 2.14 7.85 1.84
N GLN A 19 1.63 8.84 2.58
CA GLN A 19 0.57 8.67 3.57
C GLN A 19 -0.71 8.09 2.96
N ASP A 20 -1.38 8.82 2.07
CA ASP A 20 -2.74 8.46 1.65
C ASP A 20 -2.72 7.12 0.92
N ALA A 21 -1.74 6.90 0.04
CA ALA A 21 -1.53 5.60 -0.58
C ALA A 21 -1.38 4.52 0.50
N TRP A 22 -0.46 4.69 1.45
CA TRP A 22 -0.27 3.74 2.55
C TRP A 22 -1.59 3.47 3.26
N ASP A 23 -2.27 4.50 3.72
CA ASP A 23 -3.53 4.43 4.48
C ASP A 23 -4.51 3.52 3.72
N TYR A 24 -4.81 3.89 2.48
CA TYR A 24 -5.81 3.20 1.68
C TYR A 24 -5.36 1.78 1.35
N CYS A 25 -4.12 1.59 0.84
CA CYS A 25 -3.56 0.29 0.49
C CYS A 25 -3.62 -0.71 1.66
N THR A 26 -3.45 -0.22 2.88
CA THR A 26 -3.34 -1.03 4.10
C THR A 26 -4.73 -1.33 4.68
N ASN A 27 -5.80 -0.73 4.14
CA ASN A 27 -7.20 -0.76 4.58
C ASN A 27 -7.45 -0.03 5.89
N TYR A 28 -6.54 0.89 6.23
CA TYR A 28 -6.77 1.91 7.25
C TYR A 28 -8.07 2.66 6.89
N ILE A 29 -8.26 2.92 5.60
CA ILE A 29 -9.42 3.57 5.01
C ILE A 29 -10.01 2.55 4.04
N VAL A 30 -11.26 2.17 4.27
CA VAL A 30 -12.03 1.23 3.45
C VAL A 30 -12.20 1.76 2.01
N ASN A 31 -11.77 0.99 1.00
CA ASN A 31 -11.67 1.47 -0.37
C ASN A 31 -11.56 0.41 -1.49
N SER A 32 -11.53 -0.90 -1.21
CA SER A 32 -11.15 -1.99 -2.14
C SER A 32 -9.66 -1.97 -2.52
N SER A 33 -9.20 -3.00 -3.23
CA SER A 33 -7.86 -3.31 -3.73
C SER A 33 -6.81 -3.54 -2.62
N CYS A 34 -7.18 -3.31 -1.37
CA CYS A 34 -6.28 -3.40 -0.23
C CYS A 34 -5.76 -4.83 -0.10
N GLY A 35 -4.46 -4.98 0.15
CA GLY A 35 -3.73 -6.23 -0.03
C GLY A 35 -2.44 -5.96 -0.78
N GLU A 36 -1.71 -7.01 -1.18
CA GLU A 36 -0.39 -6.82 -1.78
C GLU A 36 -0.51 -5.98 -3.07
N ILE A 37 -1.65 -6.12 -3.76
CA ILE A 37 -2.03 -5.56 -5.05
C ILE A 37 -1.88 -4.05 -5.06
N CYS A 38 -2.65 -3.33 -4.24
CA CYS A 38 -2.64 -1.89 -4.30
C CYS A 38 -1.28 -1.33 -3.89
N CYS A 39 -0.64 -1.97 -2.90
CA CYS A 39 0.73 -1.66 -2.55
C CYS A 39 1.63 -1.81 -3.78
N ASN A 40 1.51 -2.91 -4.51
CA ASN A 40 2.26 -3.16 -5.73
C ASN A 40 1.94 -2.16 -6.85
N ASP A 41 0.77 -1.51 -6.80
CA ASP A 41 0.33 -0.52 -7.78
C ASP A 41 0.95 0.86 -7.50
N CYS A 42 0.97 1.29 -6.24
CA CYS A 42 1.53 2.58 -5.85
C CYS A 42 3.02 2.51 -5.50
N PHE A 43 3.43 1.49 -4.75
CA PHE A 43 4.75 1.37 -4.15
C PHE A 43 5.59 0.35 -4.91
N ASP A 44 6.90 0.40 -4.67
CA ASP A 44 7.85 -0.62 -5.07
C ASP A 44 7.55 -1.93 -4.33
N GLU A 45 8.26 -2.99 -4.70
CA GLU A 45 8.31 -4.26 -4.01
C GLU A 45 8.80 -4.09 -2.57
N THR A 46 9.88 -3.33 -2.36
CA THR A 46 10.47 -3.24 -1.02
C THR A 46 9.57 -2.42 -0.10
N GLY A 47 9.05 -1.28 -0.59
CA GLY A 47 8.03 -0.51 0.11
C GLY A 47 6.85 -1.41 0.44
N THR A 48 6.34 -2.11 -0.58
CA THR A 48 5.29 -3.09 -0.41
C THR A 48 5.65 -4.09 0.69
N GLY A 49 6.89 -4.59 0.80
CA GLY A 49 7.32 -5.48 1.86
C GLY A 49 6.80 -5.09 3.25
N ALA A 50 6.81 -3.79 3.58
CA ALA A 50 6.26 -3.24 4.82
C ALA A 50 4.76 -3.02 4.76
N CYS A 51 4.27 -2.52 3.64
CA CYS A 51 2.87 -2.20 3.41
C CYS A 51 2.05 -3.49 3.38
N ARG A 52 2.66 -4.65 3.10
CA ARG A 52 2.05 -5.95 3.24
C ARG A 52 1.75 -6.23 4.68
N ALA A 53 2.70 -6.09 5.61
CA ALA A 53 2.41 -6.29 7.03
C ALA A 53 1.18 -5.48 7.43
N GLN A 54 1.18 -4.20 7.04
CA GLN A 54 0.07 -3.29 7.35
C GLN A 54 -1.27 -3.66 6.67
N ALA A 55 -1.32 -4.57 5.69
CA ALA A 55 -2.59 -5.09 5.14
C ALA A 55 -2.79 -6.57 5.43
N PHE A 56 -1.78 -7.27 5.90
CA PHE A 56 -1.83 -8.69 6.18
C PHE A 56 -2.49 -8.89 7.54
N GLY A 57 -2.03 -8.06 8.50
CA GLY A 57 -2.29 -8.26 9.91
C GLY A 57 -2.33 -6.94 10.67
N ASN A 58 -3.22 -6.04 10.27
CA ASN A 58 -3.44 -4.73 10.85
C ASN A 58 -4.88 -4.27 10.65
N SER A 59 -5.26 -4.14 9.39
CA SER A 59 -6.61 -3.78 8.97
C SER A 59 -7.13 -4.89 8.06
N CYS A 60 -6.74 -4.94 6.78
CA CYS A 60 -7.36 -5.84 5.80
C CYS A 60 -7.29 -7.29 6.27
N LEU A 61 -8.40 -8.03 6.14
CA LEU A 61 -8.51 -9.38 6.67
C LEU A 61 -7.69 -10.37 5.85
N ASN A 62 -7.71 -10.24 4.51
CA ASN A 62 -6.91 -11.03 3.59
C ASN A 62 -6.30 -10.09 2.55
N TRP A 63 -4.97 -10.12 2.50
CA TRP A 63 -4.07 -9.35 1.65
C TRP A 63 -3.97 -9.92 0.23
N THR A 1 11.48 -1.87 5.87
CA THR A 1 11.55 -0.64 5.08
C THR A 1 10.42 0.30 5.53
N ASP A 2 10.57 1.59 5.25
CA ASP A 2 9.64 2.64 5.65
C ASP A 2 8.84 3.06 4.41
N PRO A 3 7.62 3.59 4.56
CA PRO A 3 6.82 4.10 3.45
C PRO A 3 7.32 5.42 2.89
N GLU A 4 8.33 6.01 3.53
CA GLU A 4 8.89 7.32 3.24
C GLU A 4 9.43 7.42 1.81
N GLU A 5 9.89 6.28 1.32
CA GLU A 5 10.59 6.02 0.07
C GLU A 5 9.81 4.95 -0.70
N HIS A 6 10.48 4.32 -1.64
CA HIS A 6 10.08 3.14 -2.37
C HIS A 6 8.84 3.35 -3.25
N PHE A 7 8.57 4.58 -3.68
CA PHE A 7 7.51 4.85 -4.64
C PHE A 7 7.85 4.17 -5.97
N ASP A 8 6.87 3.53 -6.60
CA ASP A 8 6.91 3.06 -7.99
C ASP A 8 5.47 2.96 -8.50
N PRO A 9 4.74 4.10 -8.66
CA PRO A 9 3.35 4.05 -9.08
C PRO A 9 3.23 3.59 -10.53
N ASN A 10 2.59 2.45 -10.72
CA ASN A 10 2.18 1.98 -12.04
C ASN A 10 1.12 2.91 -12.61
N THR A 11 0.70 2.64 -13.82
CA THR A 11 -0.14 3.49 -14.66
C THR A 11 -1.64 3.42 -14.31
N ASN A 12 -1.97 3.17 -13.04
CA ASN A 12 -3.32 3.18 -12.51
C ASN A 12 -3.33 3.88 -11.14
N CYS A 13 -2.22 3.85 -10.38
CA CYS A 13 -2.18 4.45 -9.07
C CYS A 13 -2.11 5.98 -9.18
N ASP A 14 -3.12 6.67 -8.64
CA ASP A 14 -3.28 8.13 -8.82
C ASP A 14 -2.75 8.93 -7.62
N TYR A 15 -2.56 8.30 -6.46
CA TYR A 15 -2.27 8.97 -5.20
C TYR A 15 -0.76 8.97 -4.91
N THR A 16 -0.13 10.14 -4.90
CA THR A 16 1.32 10.26 -4.98
C THR A 16 1.99 10.84 -3.72
N ASN A 17 1.36 10.65 -2.55
CA ASN A 17 1.90 10.95 -1.22
C ASN A 17 2.25 9.63 -0.53
N SER A 18 3.12 9.64 0.48
CA SER A 18 3.49 8.41 1.18
C SER A 18 2.51 8.02 2.31
N GLN A 19 1.46 8.82 2.55
CA GLN A 19 0.49 8.56 3.61
C GLN A 19 -0.83 8.07 3.04
N ASP A 20 -1.47 8.83 2.16
CA ASP A 20 -2.80 8.56 1.64
C ASP A 20 -2.83 7.19 0.98
N ALA A 21 -1.99 6.97 -0.04
CA ALA A 21 -1.88 5.66 -0.68
C ALA A 21 -1.66 4.57 0.37
N TRP A 22 -0.69 4.75 1.28
CA TRP A 22 -0.42 3.78 2.34
C TRP A 22 -1.68 3.45 3.15
N ASP A 23 -2.33 4.42 3.77
CA ASP A 23 -3.51 4.18 4.61
C ASP A 23 -4.58 3.43 3.79
N TYR A 24 -4.79 3.83 2.54
CA TYR A 24 -5.72 3.16 1.66
C TYR A 24 -5.29 1.71 1.40
N CYS A 25 -4.06 1.48 0.94
CA CYS A 25 -3.47 0.17 0.64
C CYS A 25 -3.63 -0.81 1.81
N THR A 26 -3.36 -0.30 3.01
CA THR A 26 -3.28 -1.04 4.26
C THR A 26 -4.70 -1.31 4.82
N ASN A 27 -5.75 -0.92 4.08
CA ASN A 27 -7.17 -0.91 4.41
C ASN A 27 -7.46 -0.18 5.73
N TYR A 28 -6.56 0.73 6.12
CA TYR A 28 -6.80 1.66 7.20
C TYR A 28 -8.01 2.53 6.86
N ILE A 29 -8.17 2.83 5.58
CA ILE A 29 -9.29 3.54 5.00
C ILE A 29 -9.89 2.55 4.00
N VAL A 30 -11.08 2.02 4.31
CA VAL A 30 -11.79 1.14 3.39
C VAL A 30 -12.01 1.86 2.06
N ASN A 31 -11.42 1.32 0.99
CA ASN A 31 -11.45 1.92 -0.34
C ASN A 31 -11.48 0.88 -1.47
N SER A 32 -11.48 -0.43 -1.17
CA SER A 32 -11.32 -1.52 -2.12
C SER A 32 -9.88 -1.54 -2.67
N SER A 33 -9.54 -2.48 -3.56
CA SER A 33 -8.26 -2.71 -4.19
C SER A 33 -7.10 -3.05 -3.23
N CYS A 34 -7.36 -3.01 -1.93
CA CYS A 34 -6.39 -3.13 -0.86
C CYS A 34 -5.77 -4.53 -0.82
N GLY A 35 -4.76 -4.71 0.03
CA GLY A 35 -3.95 -5.91 0.05
C GLY A 35 -2.62 -5.66 -0.65
N GLU A 36 -1.82 -6.70 -0.91
CA GLU A 36 -0.49 -6.51 -1.47
C GLU A 36 -0.54 -5.82 -2.83
N ILE A 37 -1.66 -5.93 -3.52
CA ILE A 37 -1.98 -5.32 -4.79
C ILE A 37 -1.77 -3.81 -4.72
N CYS A 38 -2.54 -3.08 -3.92
CA CYS A 38 -2.48 -1.63 -3.92
C CYS A 38 -1.09 -1.17 -3.45
N CYS A 39 -0.45 -1.94 -2.56
CA CYS A 39 0.95 -1.80 -2.24
C CYS A 39 1.77 -1.87 -3.54
N ASN A 40 1.75 -3.00 -4.25
CA ASN A 40 2.47 -3.27 -5.50
C ASN A 40 2.26 -2.18 -6.51
N ASP A 41 1.03 -1.69 -6.59
CA ASP A 41 0.60 -0.80 -7.64
C ASP A 41 1.16 0.61 -7.43
N CYS A 42 1.52 1.00 -6.19
CA CYS A 42 2.03 2.33 -5.82
C CYS A 42 3.49 2.29 -5.34
N PHE A 43 3.89 1.23 -4.65
CA PHE A 43 5.17 1.05 -3.98
C PHE A 43 5.90 -0.09 -4.70
N ASP A 44 7.22 0.02 -4.78
CA ASP A 44 8.06 -1.06 -5.26
C ASP A 44 7.88 -2.28 -4.35
N GLU A 45 8.45 -3.42 -4.74
CA GLU A 45 8.46 -4.67 -3.98
C GLU A 45 8.89 -4.42 -2.53
N THR A 46 9.87 -3.52 -2.35
CA THR A 46 10.49 -3.25 -1.06
C THR A 46 9.54 -2.45 -0.17
N GLY A 47 8.99 -1.33 -0.67
CA GLY A 47 8.00 -0.52 0.03
C GLY A 47 6.77 -1.37 0.34
N THR A 48 6.36 -2.19 -0.64
CA THR A 48 5.33 -3.18 -0.49
C THR A 48 5.63 -4.07 0.70
N GLY A 49 6.82 -4.63 0.90
CA GLY A 49 7.04 -5.59 1.97
C GLY A 49 6.70 -5.05 3.37
N ALA A 50 6.74 -3.73 3.56
CA ALA A 50 6.24 -3.06 4.77
C ALA A 50 4.73 -2.90 4.72
N CYS A 51 4.22 -2.38 3.60
CA CYS A 51 2.82 -2.06 3.39
C CYS A 51 1.98 -3.33 3.49
N ARG A 52 2.53 -4.48 3.07
CA ARG A 52 1.89 -5.75 3.22
C ARG A 52 1.72 -6.09 4.68
N ALA A 53 2.69 -5.87 5.57
CA ALA A 53 2.48 -6.14 6.98
C ALA A 53 1.28 -5.35 7.49
N GLN A 54 1.25 -4.06 7.17
CA GLN A 54 0.13 -3.19 7.50
C GLN A 54 -1.17 -3.57 6.75
N ALA A 55 -1.16 -4.51 5.80
CA ALA A 55 -2.32 -4.98 5.05
C ALA A 55 -2.57 -6.49 5.21
N PHE A 56 -1.78 -7.19 6.05
CA PHE A 56 -1.78 -8.63 6.27
C PHE A 56 -2.29 -8.93 7.68
N GLY A 57 -1.69 -8.23 8.65
CA GLY A 57 -1.91 -8.42 10.08
C GLY A 57 -2.08 -7.09 10.79
N ASN A 58 -3.01 -6.26 10.31
CA ASN A 58 -3.32 -4.93 10.82
C ASN A 58 -4.83 -4.66 10.65
N SER A 59 -5.26 -3.99 9.58
CA SER A 59 -6.62 -3.48 9.38
C SER A 59 -7.45 -4.31 8.38
N CYS A 60 -6.84 -4.72 7.27
CA CYS A 60 -7.47 -5.61 6.31
C CYS A 60 -7.63 -7.00 6.95
N LEU A 61 -8.33 -7.94 6.32
CA LEU A 61 -8.39 -9.31 6.82
C LEU A 61 -7.45 -10.16 6.00
N ASN A 62 -7.76 -10.33 4.73
CA ASN A 62 -6.91 -10.99 3.77
C ASN A 62 -6.26 -9.86 2.98
N TRP A 63 -4.93 -9.80 3.03
CA TRP A 63 -4.17 -9.14 1.98
C TRP A 63 -4.59 -9.76 0.65
N THR A 1 10.18 -1.38 6.66
CA THR A 1 10.92 -0.11 6.55
C THR A 1 9.94 1.06 6.52
N ASP A 2 10.43 2.29 6.35
CA ASP A 2 9.62 3.47 6.12
C ASP A 2 9.02 3.40 4.70
N PRO A 3 7.79 3.90 4.46
CA PRO A 3 7.19 3.91 3.13
C PRO A 3 7.79 4.97 2.19
N GLU A 4 8.36 6.02 2.78
CA GLU A 4 8.71 7.28 2.14
C GLU A 4 9.53 7.10 0.85
N GLU A 5 10.53 6.22 0.90
CA GLU A 5 11.64 6.23 -0.05
C GLU A 5 11.48 5.16 -1.15
N HIS A 6 10.27 4.62 -1.29
CA HIS A 6 9.97 3.41 -2.05
C HIS A 6 8.76 3.58 -2.98
N PHE A 7 8.74 4.64 -3.77
CA PHE A 7 7.66 4.91 -4.74
C PHE A 7 8.03 4.29 -6.07
N ASP A 8 7.15 3.48 -6.67
CA ASP A 8 7.31 3.04 -8.06
C ASP A 8 5.93 2.78 -8.67
N PRO A 9 5.09 3.82 -8.81
CA PRO A 9 3.69 3.65 -9.15
C PRO A 9 3.51 3.09 -10.56
N ASN A 10 2.55 2.20 -10.69
CA ASN A 10 2.09 1.63 -11.95
C ASN A 10 1.03 2.55 -12.56
N THR A 11 0.54 2.15 -13.72
CA THR A 11 -0.48 2.85 -14.49
C THR A 11 -1.88 2.51 -13.95
N ASN A 12 -2.04 2.70 -12.65
CA ASN A 12 -3.26 2.50 -11.90
C ASN A 12 -3.28 3.44 -10.69
N CYS A 13 -2.12 3.70 -10.10
CA CYS A 13 -1.97 4.57 -8.94
C CYS A 13 -2.51 5.96 -9.22
N ASP A 14 -3.11 6.59 -8.21
CA ASP A 14 -3.50 8.00 -8.21
C ASP A 14 -2.64 8.74 -7.19
N TYR A 15 -2.50 8.20 -5.98
CA TYR A 15 -1.95 8.90 -4.82
C TYR A 15 -0.43 8.81 -4.78
N THR A 16 0.25 9.95 -4.92
CA THR A 16 1.70 10.00 -5.07
C THR A 16 2.39 10.59 -3.81
N ASN A 17 1.76 10.52 -2.63
CA ASN A 17 2.30 11.08 -1.38
C ASN A 17 3.20 10.13 -0.60
N SER A 18 2.61 9.07 -0.04
CA SER A 18 3.11 8.12 0.95
C SER A 18 1.89 7.78 1.79
N GLN A 19 1.39 8.73 2.58
CA GLN A 19 0.48 8.42 3.68
C GLN A 19 -0.92 8.04 3.18
N ASP A 20 -1.51 8.79 2.23
CA ASP A 20 -2.82 8.45 1.68
C ASP A 20 -2.71 7.11 0.96
N ALA A 21 -1.72 6.96 0.10
CA ALA A 21 -1.51 5.72 -0.67
C ALA A 21 -1.45 4.54 0.30
N TRP A 22 -0.51 4.60 1.24
CA TRP A 22 -0.34 3.62 2.31
C TRP A 22 -1.67 3.34 3.01
N ASP A 23 -2.37 4.37 3.47
CA ASP A 23 -3.57 4.19 4.29
C ASP A 23 -4.63 3.41 3.52
N TYR A 24 -4.86 3.77 2.26
CA TYR A 24 -5.83 3.10 1.43
C TYR A 24 -5.35 1.67 1.12
N CYS A 25 -4.06 1.47 0.82
CA CYS A 25 -3.46 0.14 0.59
C CYS A 25 -3.66 -0.78 1.79
N THR A 26 -3.41 -0.26 2.99
CA THR A 26 -3.31 -1.01 4.25
C THR A 26 -4.68 -1.16 4.92
N ASN A 27 -5.74 -0.68 4.26
CA ASN A 27 -7.13 -0.67 4.72
C ASN A 27 -7.26 0.12 6.04
N TYR A 28 -6.36 1.07 6.29
CA TYR A 28 -6.52 2.12 7.29
C TYR A 28 -7.75 2.96 6.96
N ILE A 29 -8.09 3.07 5.67
CA ILE A 29 -9.26 3.70 5.11
C ILE A 29 -9.94 2.61 4.29
N VAL A 30 -11.01 2.04 4.82
CA VAL A 30 -11.89 1.11 4.12
C VAL A 30 -12.42 1.81 2.89
N ASN A 31 -12.11 1.26 1.73
CA ASN A 31 -12.43 1.82 0.43
C ASN A 31 -12.66 0.67 -0.55
N SER A 32 -11.62 0.08 -1.13
CA SER A 32 -11.55 -1.05 -2.05
C SER A 32 -10.05 -1.29 -2.32
N SER A 33 -9.71 -2.34 -3.07
CA SER A 33 -8.40 -2.66 -3.63
C SER A 33 -7.33 -3.03 -2.61
N CYS A 34 -7.59 -2.79 -1.32
CA CYS A 34 -6.62 -2.89 -0.25
C CYS A 34 -6.11 -4.33 -0.14
N GLY A 35 -4.90 -4.48 0.39
CA GLY A 35 -4.14 -5.71 0.26
C GLY A 35 -2.85 -5.46 -0.53
N GLU A 36 -2.10 -6.52 -0.76
CA GLU A 36 -0.77 -6.46 -1.36
C GLU A 36 -0.79 -5.91 -2.79
N ILE A 37 -1.89 -6.05 -3.50
CA ILE A 37 -2.05 -5.55 -4.86
C ILE A 37 -1.95 -4.02 -4.87
N CYS A 38 -2.65 -3.32 -3.98
CA CYS A 38 -2.58 -1.85 -3.95
C CYS A 38 -1.18 -1.40 -3.51
N CYS A 39 -0.55 -2.12 -2.57
CA CYS A 39 0.86 -1.94 -2.26
C CYS A 39 1.68 -2.05 -3.54
N ASN A 40 1.52 -3.13 -4.31
CA ASN A 40 2.22 -3.36 -5.57
C ASN A 40 1.94 -2.26 -6.59
N ASP A 41 0.74 -1.68 -6.58
CA ASP A 41 0.31 -0.66 -7.52
C ASP A 41 1.03 0.67 -7.29
N CYS A 42 1.29 1.04 -6.04
CA CYS A 42 1.90 2.32 -5.69
C CYS A 42 3.39 2.21 -5.33
N PHE A 43 3.75 1.25 -4.48
CA PHE A 43 5.07 1.12 -3.88
C PHE A 43 5.95 0.19 -4.72
N ASP A 44 7.27 0.33 -4.61
CA ASP A 44 8.20 -0.64 -5.20
C ASP A 44 8.05 -1.98 -4.48
N GLU A 45 8.71 -2.99 -5.02
CA GLU A 45 8.66 -4.34 -4.48
C GLU A 45 9.18 -4.37 -3.04
N THR A 46 10.21 -3.58 -2.72
CA THR A 46 10.72 -3.51 -1.36
C THR A 46 9.71 -2.78 -0.49
N GLY A 47 9.31 -1.56 -0.86
CA GLY A 47 8.32 -0.72 -0.20
C GLY A 47 7.10 -1.54 0.19
N THR A 48 6.60 -2.32 -0.75
CA THR A 48 5.48 -3.22 -0.58
C THR A 48 5.64 -4.12 0.64
N GLY A 49 6.80 -4.70 0.96
CA GLY A 49 6.84 -5.72 2.01
C GLY A 49 6.34 -5.20 3.35
N ALA A 50 6.64 -3.95 3.69
CA ALA A 50 6.15 -3.27 4.88
C ALA A 50 4.65 -2.98 4.77
N CYS A 51 4.23 -2.47 3.62
CA CYS A 51 2.86 -2.09 3.36
C CYS A 51 1.98 -3.33 3.41
N ARG A 52 2.48 -4.47 2.92
CA ARG A 52 1.84 -5.75 3.06
C ARG A 52 1.70 -6.12 4.51
N ALA A 53 2.69 -5.93 5.38
CA ALA A 53 2.49 -6.21 6.80
C ALA A 53 1.29 -5.44 7.35
N GLN A 54 1.21 -4.13 7.06
CA GLN A 54 0.07 -3.29 7.44
C GLN A 54 -1.22 -3.67 6.67
N ALA A 55 -1.17 -4.55 5.67
CA ALA A 55 -2.35 -5.12 5.03
C ALA A 55 -2.56 -6.60 5.39
N PHE A 56 -1.63 -7.24 6.09
CA PHE A 56 -1.60 -8.68 6.31
C PHE A 56 -2.05 -8.97 7.73
N GLY A 57 -1.23 -8.53 8.70
CA GLY A 57 -1.46 -8.67 10.11
C GLY A 57 -1.71 -7.30 10.74
N ASN A 58 -2.69 -6.57 10.22
CA ASN A 58 -3.10 -5.27 10.75
C ASN A 58 -4.62 -5.22 10.70
N SER A 59 -5.24 -4.67 9.64
CA SER A 59 -6.68 -4.38 9.62
C SER A 59 -7.42 -4.84 8.36
N CYS A 60 -6.73 -5.11 7.25
CA CYS A 60 -7.34 -5.69 6.07
C CYS A 60 -7.58 -7.19 6.36
N LEU A 61 -8.68 -7.76 5.87
CA LEU A 61 -9.03 -9.14 6.16
C LEU A 61 -8.07 -10.06 5.39
N ASN A 62 -8.23 -10.10 4.07
CA ASN A 62 -7.30 -10.77 3.17
C ASN A 62 -6.48 -9.69 2.49
N TRP A 63 -5.16 -9.74 2.65
CA TRP A 63 -4.25 -9.00 1.80
C TRP A 63 -4.42 -9.43 0.34
N THR A 1 10.82 -1.06 6.77
CA THR A 1 11.09 -0.05 5.73
C THR A 1 10.23 1.17 6.10
N ASP A 2 10.24 2.25 5.32
CA ASP A 2 9.22 3.27 5.43
C ASP A 2 8.75 3.60 4.00
N PRO A 3 7.49 4.00 3.78
CA PRO A 3 6.91 4.30 2.47
C PRO A 3 7.35 5.67 1.95
N GLU A 4 8.29 6.30 2.66
CA GLU A 4 8.97 7.49 2.21
C GLU A 4 9.89 7.14 1.05
N GLU A 5 10.97 6.40 1.32
CA GLU A 5 12.09 6.11 0.46
C GLU A 5 11.73 5.03 -0.58
N HIS A 6 10.56 4.45 -0.42
CA HIS A 6 9.98 3.47 -1.32
C HIS A 6 8.61 4.01 -1.62
N PHE A 7 8.50 4.69 -2.75
CA PHE A 7 7.28 5.08 -3.43
C PHE A 7 7.62 4.79 -4.89
N ASP A 8 6.93 3.84 -5.54
CA ASP A 8 7.16 3.52 -6.95
C ASP A 8 5.83 3.11 -7.58
N PRO A 9 4.98 4.10 -7.96
CA PRO A 9 3.67 3.83 -8.52
C PRO A 9 3.78 3.37 -9.96
N ASN A 10 3.25 2.19 -10.25
CA ASN A 10 2.95 1.86 -11.63
C ASN A 10 1.75 2.69 -12.09
N THR A 11 1.43 2.60 -13.39
CA THR A 11 0.50 3.51 -14.03
C THR A 11 -0.97 3.07 -13.87
N ASN A 12 -1.26 2.47 -12.71
CA ASN A 12 -2.57 2.09 -12.20
C ASN A 12 -2.80 2.70 -10.81
N CYS A 13 -1.79 3.35 -10.20
CA CYS A 13 -1.94 4.18 -9.01
C CYS A 13 -2.64 5.51 -9.34
N ASP A 14 -3.30 6.13 -8.34
CA ASP A 14 -4.00 7.42 -8.48
C ASP A 14 -3.53 8.47 -7.44
N TYR A 15 -2.91 8.05 -6.33
CA TYR A 15 -2.61 8.93 -5.20
C TYR A 15 -1.12 9.21 -5.16
N THR A 16 -0.76 10.49 -5.15
CA THR A 16 0.62 10.94 -5.28
C THR A 16 1.09 11.48 -3.91
N ASN A 17 0.74 10.79 -2.83
CA ASN A 17 1.22 11.11 -1.48
C ASN A 17 1.36 9.81 -0.70
N SER A 18 2.50 9.61 -0.05
CA SER A 18 2.90 8.39 0.62
C SER A 18 1.86 7.94 1.67
N GLN A 19 1.51 8.81 2.63
CA GLN A 19 0.59 8.46 3.72
C GLN A 19 -0.83 8.19 3.19
N ASP A 20 -1.36 9.02 2.28
CA ASP A 20 -2.71 8.88 1.72
C ASP A 20 -2.81 7.56 0.97
N ALA A 21 -1.83 7.24 0.13
CA ALA A 21 -1.79 5.95 -0.53
C ALA A 21 -1.69 4.82 0.50
N TRP A 22 -0.65 4.82 1.34
CA TRP A 22 -0.37 3.80 2.34
C TRP A 22 -1.65 3.49 3.13
N ASP A 23 -2.32 4.50 3.69
CA ASP A 23 -3.49 4.31 4.53
C ASP A 23 -4.57 3.54 3.79
N TYR A 24 -4.90 3.99 2.58
CA TYR A 24 -5.92 3.36 1.76
C TYR A 24 -5.49 1.91 1.43
N CYS A 25 -4.26 1.72 0.93
CA CYS A 25 -3.69 0.42 0.54
C CYS A 25 -3.71 -0.59 1.70
N THR A 26 -3.42 -0.12 2.91
CA THR A 26 -3.27 -0.92 4.12
C THR A 26 -4.62 -1.12 4.82
N ASN A 27 -5.72 -0.64 4.22
CA ASN A 27 -7.09 -0.74 4.71
C ASN A 27 -7.23 0.02 6.05
N TYR A 28 -6.32 0.97 6.33
CA TYR A 28 -6.53 2.03 7.30
C TYR A 28 -7.76 2.84 6.87
N ILE A 29 -7.92 3.05 5.55
CA ILE A 29 -9.05 3.73 4.95
C ILE A 29 -9.74 2.72 4.03
N VAL A 30 -10.94 2.29 4.42
CA VAL A 30 -11.75 1.33 3.71
C VAL A 30 -12.12 1.86 2.34
N ASN A 31 -11.65 1.15 1.30
CA ASN A 31 -11.83 1.50 -0.10
C ASN A 31 -11.73 0.32 -1.07
N SER A 32 -11.55 -0.92 -0.59
CA SER A 32 -11.15 -2.06 -1.42
C SER A 32 -9.85 -1.77 -2.21
N SER A 33 -9.48 -2.64 -3.16
CA SER A 33 -8.20 -2.79 -3.85
C SER A 33 -7.02 -3.11 -2.92
N CYS A 34 -7.21 -2.86 -1.63
CA CYS A 34 -6.30 -3.05 -0.54
C CYS A 34 -5.91 -4.53 -0.46
N GLY A 35 -4.75 -4.79 0.13
CA GLY A 35 -4.09 -6.08 0.08
C GLY A 35 -2.77 -5.90 -0.66
N GLU A 36 -2.12 -7.00 -1.04
CA GLU A 36 -0.80 -6.95 -1.64
C GLU A 36 -0.81 -6.13 -2.95
N ILE A 37 -1.92 -6.19 -3.69
CA ILE A 37 -2.15 -5.54 -4.98
C ILE A 37 -1.93 -4.04 -4.92
N CYS A 38 -2.72 -3.28 -4.15
CA CYS A 38 -2.65 -1.82 -4.18
C CYS A 38 -1.25 -1.35 -3.77
N CYS A 39 -0.61 -2.09 -2.87
CA CYS A 39 0.79 -1.88 -2.52
C CYS A 39 1.68 -2.13 -3.73
N ASN A 40 1.59 -3.31 -4.37
CA ASN A 40 2.33 -3.66 -5.57
C ASN A 40 2.18 -2.63 -6.68
N ASP A 41 1.05 -1.92 -6.72
CA ASP A 41 0.73 -0.98 -7.79
C ASP A 41 1.11 0.46 -7.44
N CYS A 42 1.41 0.76 -6.17
CA CYS A 42 1.81 2.10 -5.69
C CYS A 42 3.26 2.14 -5.19
N PHE A 43 3.83 0.99 -4.87
CA PHE A 43 5.11 0.83 -4.19
C PHE A 43 5.89 -0.25 -4.91
N ASP A 44 7.22 -0.19 -4.83
CA ASP A 44 8.10 -1.29 -5.23
C ASP A 44 7.78 -2.50 -4.36
N GLU A 45 8.36 -3.67 -4.69
CA GLU A 45 8.39 -4.84 -3.82
C GLU A 45 8.88 -4.48 -2.40
N THR A 46 9.94 -3.69 -2.29
CA THR A 46 10.57 -3.39 -1.02
C THR A 46 9.68 -2.52 -0.15
N GLY A 47 9.08 -1.45 -0.72
CA GLY A 47 8.05 -0.66 -0.05
C GLY A 47 6.89 -1.57 0.33
N THR A 48 6.40 -2.32 -0.66
CA THR A 48 5.36 -3.30 -0.51
C THR A 48 5.62 -4.22 0.67
N GLY A 49 6.80 -4.78 0.90
CA GLY A 49 6.96 -5.81 1.92
C GLY A 49 6.48 -5.33 3.29
N ALA A 50 6.74 -4.06 3.61
CA ALA A 50 6.23 -3.37 4.79
C ALA A 50 4.73 -3.13 4.71
N CYS A 51 4.27 -2.61 3.57
CA CYS A 51 2.89 -2.23 3.30
C CYS A 51 2.01 -3.50 3.33
N ARG A 52 2.58 -4.66 2.99
CA ARG A 52 1.95 -5.96 3.10
C ARG A 52 1.71 -6.29 4.53
N ALA A 53 2.69 -6.19 5.44
CA ALA A 53 2.40 -6.39 6.86
C ALA A 53 1.19 -5.55 7.28
N GLN A 54 1.18 -4.28 6.87
CA GLN A 54 0.09 -3.36 7.17
C GLN A 54 -1.24 -3.67 6.44
N ALA A 55 -1.28 -4.58 5.45
CA ALA A 55 -2.51 -5.08 4.86
C ALA A 55 -2.70 -6.58 5.14
N PHE A 56 -1.86 -7.19 5.96
CA PHE A 56 -1.82 -8.63 6.20
C PHE A 56 -2.26 -8.91 7.64
N GLY A 57 -1.61 -8.18 8.56
CA GLY A 57 -1.73 -8.36 10.00
C GLY A 57 -2.06 -7.07 10.71
N ASN A 58 -2.89 -6.22 10.12
CA ASN A 58 -3.24 -4.91 10.65
C ASN A 58 -4.77 -4.75 10.57
N SER A 59 -5.30 -4.36 9.40
CA SER A 59 -6.72 -4.15 9.18
C SER A 59 -7.27 -5.13 8.16
N CYS A 60 -6.79 -5.04 6.92
CA CYS A 60 -7.30 -5.78 5.77
C CYS A 60 -7.34 -7.28 6.11
N LEU A 61 -8.51 -7.90 5.93
CA LEU A 61 -8.79 -9.23 6.48
C LEU A 61 -7.93 -10.29 5.79
N ASN A 62 -7.73 -10.12 4.50
CA ASN A 62 -6.75 -10.83 3.68
C ASN A 62 -6.03 -9.80 2.83
N TRP A 63 -4.70 -9.93 2.78
CA TRP A 63 -3.87 -9.29 1.78
C TRP A 63 -4.16 -9.89 0.40
N THR A 1 13.04 0.15 5.95
CA THR A 1 12.85 0.73 4.63
C THR A 1 12.03 2.03 4.78
N ASP A 2 10.80 1.93 5.30
CA ASP A 2 9.77 2.97 5.45
C ASP A 2 9.15 3.36 4.09
N PRO A 3 7.86 3.73 3.99
CA PRO A 3 7.24 4.13 2.72
C PRO A 3 7.71 5.52 2.27
N GLU A 4 8.46 6.22 3.11
CA GLU A 4 9.07 7.51 2.84
C GLU A 4 9.86 7.49 1.52
N GLU A 5 10.71 6.47 1.34
CA GLU A 5 11.75 6.44 0.32
C GLU A 5 11.40 5.49 -0.83
N HIS A 6 10.16 5.02 -0.88
CA HIS A 6 9.71 3.91 -1.70
C HIS A 6 8.46 4.34 -2.43
N PHE A 7 8.57 4.41 -3.76
CA PHE A 7 7.49 4.73 -4.66
C PHE A 7 7.80 4.08 -6.00
N ASP A 8 6.84 3.35 -6.57
CA ASP A 8 6.81 3.02 -7.99
C ASP A 8 5.32 2.90 -8.37
N PRO A 9 4.61 4.04 -8.47
CA PRO A 9 3.22 4.01 -8.86
C PRO A 9 3.14 3.55 -10.30
N ASN A 10 2.54 2.39 -10.50
CA ASN A 10 2.12 1.96 -11.82
C ASN A 10 1.15 3.01 -12.36
N THR A 11 0.81 2.87 -13.63
CA THR A 11 -0.13 3.75 -14.30
C THR A 11 -1.57 3.56 -13.78
N ASN A 12 -1.83 2.51 -13.01
CA ASN A 12 -3.13 2.29 -12.36
C ASN A 12 -3.29 3.15 -11.11
N CYS A 13 -2.20 3.62 -10.47
CA CYS A 13 -2.30 4.44 -9.28
C CYS A 13 -2.40 5.92 -9.61
N ASP A 14 -3.08 6.65 -8.72
CA ASP A 14 -3.42 8.07 -8.86
C ASP A 14 -2.97 8.88 -7.65
N TYR A 15 -2.84 8.24 -6.48
CA TYR A 15 -2.30 8.85 -5.28
C TYR A 15 -0.78 8.83 -5.35
N THR A 16 -0.13 9.90 -4.85
CA THR A 16 1.32 10.04 -4.90
C THR A 16 1.88 10.55 -3.57
N ASN A 17 1.14 10.46 -2.46
CA ASN A 17 1.70 10.71 -1.12
C ASN A 17 1.86 9.34 -0.47
N SER A 18 2.91 9.19 0.31
CA SER A 18 3.28 7.97 1.05
C SER A 18 2.32 7.70 2.21
N GLN A 19 1.41 8.63 2.49
CA GLN A 19 0.46 8.60 3.57
C GLN A 19 -0.89 8.14 3.02
N ASP A 20 -1.52 8.93 2.14
CA ASP A 20 -2.81 8.62 1.53
C ASP A 20 -2.76 7.25 0.87
N ALA A 21 -1.80 7.00 -0.02
CA ALA A 21 -1.64 5.70 -0.66
C ALA A 21 -1.61 4.60 0.39
N TRP A 22 -0.67 4.68 1.33
CA TRP A 22 -0.44 3.68 2.37
C TRP A 22 -1.72 3.38 3.14
N ASP A 23 -2.34 4.39 3.76
CA ASP A 23 -3.53 4.18 4.59
C ASP A 23 -4.63 3.51 3.77
N TYR A 24 -4.83 3.91 2.51
CA TYR A 24 -5.78 3.23 1.66
C TYR A 24 -5.37 1.75 1.46
N CYS A 25 -4.15 1.50 0.97
CA CYS A 25 -3.61 0.16 0.66
C CYS A 25 -3.77 -0.81 1.83
N THR A 26 -3.41 -0.33 3.02
CA THR A 26 -3.31 -1.06 4.27
C THR A 26 -4.68 -1.26 4.93
N ASN A 27 -5.75 -0.81 4.25
CA ASN A 27 -7.13 -0.86 4.72
C ASN A 27 -7.29 -0.11 6.05
N TYR A 28 -6.48 0.93 6.25
CA TYR A 28 -6.71 1.97 7.24
C TYR A 28 -7.95 2.77 6.85
N ILE A 29 -8.10 3.05 5.54
CA ILE A 29 -9.26 3.69 4.94
C ILE A 29 -9.90 2.61 4.07
N VAL A 30 -11.12 2.18 4.43
CA VAL A 30 -11.91 1.30 3.57
C VAL A 30 -12.16 2.03 2.26
N ASN A 31 -11.79 1.37 1.16
CA ASN A 31 -11.80 1.93 -0.19
C ASN A 31 -11.85 0.88 -1.32
N SER A 32 -11.76 -0.43 -1.03
CA SER A 32 -11.55 -1.53 -1.96
C SER A 32 -10.09 -1.58 -2.45
N SER A 33 -9.75 -2.56 -3.30
CA SER A 33 -8.47 -2.89 -3.92
C SER A 33 -7.36 -3.25 -2.90
N CYS A 34 -7.65 -3.12 -1.62
CA CYS A 34 -6.72 -3.29 -0.51
C CYS A 34 -6.10 -4.68 -0.51
N GLY A 35 -4.93 -4.80 0.12
CA GLY A 35 -4.12 -6.01 0.08
C GLY A 35 -2.83 -5.74 -0.68
N GLU A 36 -2.08 -6.80 -0.98
CA GLU A 36 -0.73 -6.65 -1.50
C GLU A 36 -0.69 -5.99 -2.88
N ILE A 37 -1.79 -6.12 -3.63
CA ILE A 37 -2.05 -5.40 -4.86
C ILE A 37 -1.92 -3.89 -4.65
N CYS A 38 -2.71 -3.26 -3.79
CA CYS A 38 -2.70 -1.80 -3.70
C CYS A 38 -1.32 -1.31 -3.23
N CYS A 39 -0.65 -2.07 -2.38
CA CYS A 39 0.76 -1.91 -2.11
C CYS A 39 1.55 -1.89 -3.42
N ASN A 40 1.51 -2.97 -4.20
CA ASN A 40 2.21 -3.11 -5.47
C ASN A 40 1.84 -2.01 -6.48
N ASP A 41 0.63 -1.46 -6.38
CA ASP A 41 0.10 -0.50 -7.33
C ASP A 41 0.83 0.85 -7.18
N CYS A 42 1.22 1.22 -5.95
CA CYS A 42 1.84 2.51 -5.62
C CYS A 42 3.31 2.38 -5.21
N PHE A 43 3.64 1.31 -4.49
CA PHE A 43 4.94 1.06 -3.91
C PHE A 43 5.66 0.04 -4.78
N ASP A 44 6.98 0.21 -4.87
CA ASP A 44 7.86 -0.83 -5.37
C ASP A 44 7.80 -2.05 -4.47
N GLU A 45 8.53 -3.06 -4.93
CA GLU A 45 8.51 -4.37 -4.33
C GLU A 45 9.16 -4.35 -2.93
N THR A 46 10.17 -3.51 -2.71
CA THR A 46 10.79 -3.38 -1.39
C THR A 46 9.81 -2.67 -0.46
N GLY A 47 9.31 -1.49 -0.84
CA GLY A 47 8.36 -0.70 -0.06
C GLY A 47 7.15 -1.51 0.33
N THR A 48 6.62 -2.27 -0.63
CA THR A 48 5.50 -3.16 -0.48
C THR A 48 5.65 -4.09 0.72
N GLY A 49 6.82 -4.67 1.04
CA GLY A 49 6.86 -5.73 2.05
C GLY A 49 6.32 -5.29 3.41
N ALA A 50 6.48 -4.01 3.74
CA ALA A 50 5.94 -3.38 4.95
C ALA A 50 4.46 -3.02 4.78
N CYS A 51 4.09 -2.47 3.63
CA CYS A 51 2.74 -2.07 3.33
C CYS A 51 1.86 -3.32 3.38
N ARG A 52 2.39 -4.45 2.89
CA ARG A 52 1.80 -5.76 3.05
C ARG A 52 1.61 -6.08 4.51
N ALA A 53 2.61 -5.91 5.40
CA ALA A 53 2.41 -6.18 6.82
C ALA A 53 1.22 -5.40 7.38
N GLN A 54 1.14 -4.10 7.10
CA GLN A 54 0.02 -3.26 7.52
C GLN A 54 -1.29 -3.64 6.78
N ALA A 55 -1.28 -4.52 5.79
CA ALA A 55 -2.47 -5.13 5.21
C ALA A 55 -2.64 -6.60 5.64
N PHE A 56 -1.61 -7.24 6.20
CA PHE A 56 -1.54 -8.67 6.45
C PHE A 56 -1.99 -8.94 7.87
N GLY A 57 -1.22 -8.43 8.84
CA GLY A 57 -1.44 -8.56 10.27
C GLY A 57 -1.68 -7.19 10.88
N ASN A 58 -2.74 -6.50 10.45
CA ASN A 58 -3.16 -5.20 10.95
C ASN A 58 -4.70 -5.09 10.86
N SER A 59 -5.27 -4.53 9.78
CA SER A 59 -6.68 -4.17 9.69
C SER A 59 -7.39 -4.64 8.41
N CYS A 60 -6.67 -5.11 7.39
CA CYS A 60 -7.33 -5.78 6.28
C CYS A 60 -7.57 -7.23 6.69
N LEU A 61 -8.52 -7.89 6.04
CA LEU A 61 -8.88 -9.27 6.35
C LEU A 61 -7.88 -10.19 5.65
N ASN A 62 -7.97 -10.26 4.32
CA ASN A 62 -6.97 -10.90 3.48
C ASN A 62 -6.18 -9.79 2.81
N TRP A 63 -4.85 -9.86 2.89
CA TRP A 63 -4.00 -9.16 1.94
C TRP A 63 -4.22 -9.73 0.54
N THR A 1 13.43 0.22 5.84
CA THR A 1 12.99 0.52 4.48
C THR A 1 12.08 1.75 4.52
N ASP A 2 10.94 1.66 5.23
CA ASP A 2 9.82 2.61 5.24
C ASP A 2 9.16 2.76 3.85
N PRO A 3 7.91 3.24 3.69
CA PRO A 3 7.37 3.56 2.36
C PRO A 3 8.07 4.77 1.74
N GLU A 4 8.57 5.63 2.62
CA GLU A 4 9.14 6.94 2.35
C GLU A 4 10.13 6.88 1.19
N GLU A 5 11.19 6.09 1.33
CA GLU A 5 12.35 6.14 0.42
C GLU A 5 12.20 5.11 -0.69
N HIS A 6 10.96 4.88 -1.13
CA HIS A 6 10.62 3.93 -2.17
C HIS A 6 9.61 4.55 -3.12
N PHE A 7 8.33 4.63 -2.70
CA PHE A 7 7.16 5.12 -3.43
C PHE A 7 7.33 5.05 -4.95
N ASP A 8 7.08 3.87 -5.53
CA ASP A 8 7.24 3.59 -6.95
C ASP A 8 5.91 3.05 -7.48
N PRO A 9 4.96 3.94 -7.82
CA PRO A 9 3.63 3.54 -8.28
C PRO A 9 3.63 3.12 -9.75
N ASN A 10 2.89 2.06 -10.07
CA ASN A 10 2.53 1.75 -11.45
C ASN A 10 1.38 2.66 -11.89
N THR A 11 1.03 2.57 -13.17
CA THR A 11 -0.06 3.32 -13.81
C THR A 11 -1.45 2.73 -13.45
N ASN A 12 -1.62 2.39 -12.17
CA ASN A 12 -2.90 2.13 -11.52
C ASN A 12 -3.05 3.07 -10.32
N CYS A 13 -1.96 3.43 -9.61
CA CYS A 13 -2.00 4.26 -8.42
C CYS A 13 -2.44 5.68 -8.79
N ASP A 14 -3.54 6.17 -8.21
CA ASP A 14 -4.04 7.51 -8.53
C ASP A 14 -3.49 8.56 -7.56
N TYR A 15 -3.02 8.15 -6.39
CA TYR A 15 -2.54 9.02 -5.33
C TYR A 15 -1.04 9.27 -5.49
N THR A 16 -0.57 10.31 -4.81
CA THR A 16 0.77 10.89 -4.95
C THR A 16 1.31 11.34 -3.59
N ASN A 17 0.69 10.90 -2.48
CA ASN A 17 1.20 11.15 -1.14
C ASN A 17 1.74 9.84 -0.61
N SER A 18 2.71 9.98 0.25
CA SER A 18 3.30 8.92 1.07
C SER A 18 2.48 8.74 2.36
N GLN A 19 1.21 9.15 2.40
CA GLN A 19 0.26 8.78 3.44
C GLN A 19 -0.99 8.26 2.77
N ASP A 20 -1.67 9.07 1.94
CA ASP A 20 -2.97 8.73 1.35
C ASP A 20 -2.91 7.37 0.68
N ALA A 21 -1.91 7.15 -0.18
CA ALA A 21 -1.70 5.88 -0.86
C ALA A 21 -1.61 4.73 0.15
N TRP A 22 -0.63 4.77 1.05
CA TRP A 22 -0.41 3.74 2.06
C TRP A 22 -1.67 3.49 2.87
N ASP A 23 -2.30 4.52 3.42
CA ASP A 23 -3.45 4.39 4.30
C ASP A 23 -4.56 3.62 3.58
N TYR A 24 -4.84 4.00 2.34
CA TYR A 24 -5.81 3.28 1.55
C TYR A 24 -5.33 1.84 1.30
N CYS A 25 -4.12 1.63 0.76
CA CYS A 25 -3.53 0.32 0.46
C CYS A 25 -3.61 -0.65 1.65
N THR A 26 -3.45 -0.13 2.87
CA THR A 26 -3.28 -0.91 4.08
C THR A 26 -4.61 -1.08 4.83
N ASN A 27 -5.74 -0.67 4.24
CA ASN A 27 -7.05 -0.73 4.89
C ASN A 27 -7.03 0.09 6.19
N TYR A 28 -6.19 1.12 6.25
CA TYR A 28 -6.42 2.22 7.17
C TYR A 28 -7.73 2.90 6.81
N ILE A 29 -8.03 2.98 5.51
CA ILE A 29 -9.22 3.58 4.95
C ILE A 29 -9.82 2.54 3.99
N VAL A 30 -11.03 2.05 4.28
CA VAL A 30 -11.74 1.13 3.41
C VAL A 30 -11.97 1.77 2.03
N ASN A 31 -11.75 0.99 0.96
CA ASN A 31 -11.75 1.53 -0.41
C ASN A 31 -11.88 0.47 -1.53
N SER A 32 -11.91 -0.82 -1.23
CA SER A 32 -11.93 -1.93 -2.18
C SER A 32 -10.79 -1.87 -3.22
N SER A 33 -9.55 -1.99 -2.73
CA SER A 33 -8.34 -2.38 -3.45
C SER A 33 -7.29 -2.89 -2.45
N CYS A 34 -7.36 -2.40 -1.20
CA CYS A 34 -6.48 -2.66 -0.07
C CYS A 34 -6.04 -4.13 -0.02
N GLY A 35 -4.73 -4.37 -0.07
CA GLY A 35 -4.13 -5.68 -0.22
C GLY A 35 -2.77 -5.57 -0.89
N GLU A 36 -2.06 -6.70 -1.04
CA GLU A 36 -0.71 -6.73 -1.58
C GLU A 36 -0.66 -6.20 -3.00
N ILE A 37 -1.70 -6.40 -3.79
CA ILE A 37 -1.79 -5.85 -5.13
C ILE A 37 -1.72 -4.32 -5.09
N CYS A 38 -2.37 -3.66 -4.12
CA CYS A 38 -2.32 -2.20 -4.06
C CYS A 38 -0.97 -1.73 -3.51
N CYS A 39 -0.34 -2.48 -2.60
CA CYS A 39 1.05 -2.28 -2.24
C CYS A 39 1.91 -2.35 -3.50
N ASN A 40 1.84 -3.45 -4.26
CA ASN A 40 2.55 -3.70 -5.50
C ASN A 40 2.35 -2.51 -6.43
N ASP A 41 1.10 -2.17 -6.70
CA ASP A 41 0.75 -1.15 -7.68
C ASP A 41 1.09 0.28 -7.23
N CYS A 42 1.46 0.52 -5.97
CA CYS A 42 1.79 1.86 -5.46
C CYS A 42 3.22 1.98 -4.91
N PHE A 43 3.93 0.88 -4.69
CA PHE A 43 5.23 0.84 -4.03
C PHE A 43 6.13 -0.18 -4.72
N ASP A 44 7.45 0.01 -4.63
CA ASP A 44 8.41 -0.97 -5.14
C ASP A 44 8.21 -2.30 -4.42
N GLU A 45 8.82 -3.37 -4.92
CA GLU A 45 8.71 -4.70 -4.33
C GLU A 45 9.22 -4.70 -2.87
N THR A 46 10.27 -3.90 -2.60
CA THR A 46 10.81 -3.65 -1.28
C THR A 46 9.84 -2.81 -0.44
N GLY A 47 9.46 -1.62 -0.94
CA GLY A 47 8.55 -0.72 -0.24
C GLY A 47 7.23 -1.41 0.12
N THR A 48 6.77 -2.30 -0.74
CA THR A 48 5.62 -3.15 -0.55
C THR A 48 5.74 -4.00 0.69
N GLY A 49 6.89 -4.59 1.02
CA GLY A 49 6.93 -5.65 2.02
C GLY A 49 6.48 -5.18 3.41
N ALA A 50 6.67 -3.88 3.71
CA ALA A 50 6.13 -3.22 4.88
C ALA A 50 4.62 -3.01 4.76
N CYS A 51 4.20 -2.47 3.62
CA CYS A 51 2.84 -2.10 3.31
C CYS A 51 1.97 -3.35 3.36
N ARG A 52 2.51 -4.50 2.91
CA ARG A 52 1.85 -5.78 3.02
C ARG A 52 1.64 -6.15 4.46
N ALA A 53 2.61 -5.98 5.36
CA ALA A 53 2.35 -6.27 6.78
C ALA A 53 1.17 -5.44 7.28
N GLN A 54 1.11 -4.16 6.90
CA GLN A 54 0.00 -3.28 7.25
C GLN A 54 -1.29 -3.62 6.47
N ALA A 55 -1.29 -4.51 5.49
CA ALA A 55 -2.49 -5.00 4.81
C ALA A 55 -2.80 -6.47 5.16
N PHE A 56 -1.85 -7.20 5.74
CA PHE A 56 -1.91 -8.63 6.01
C PHE A 56 -2.33 -8.86 7.46
N GLY A 57 -1.59 -8.20 8.36
CA GLY A 57 -1.70 -8.34 9.81
C GLY A 57 -1.82 -6.98 10.45
N ASN A 58 -2.92 -6.29 10.15
CA ASN A 58 -3.28 -4.97 10.62
C ASN A 58 -4.81 -4.85 10.57
N SER A 59 -5.40 -4.40 9.45
CA SER A 59 -6.85 -4.12 9.37
C SER A 59 -7.59 -4.83 8.22
N CYS A 60 -7.02 -4.94 7.02
CA CYS A 60 -7.64 -5.70 5.93
C CYS A 60 -7.70 -7.18 6.32
N LEU A 61 -8.87 -7.80 6.21
CA LEU A 61 -9.00 -9.22 6.54
C LEU A 61 -8.09 -10.07 5.68
N ASN A 62 -7.95 -9.73 4.39
CA ASN A 62 -7.01 -10.38 3.49
C ASN A 62 -6.30 -9.30 2.70
N TRP A 63 -4.99 -9.46 2.58
CA TRP A 63 -4.19 -8.78 1.59
C TRP A 63 -4.53 -9.29 0.19
N THR A 1 11.99 -1.15 6.21
CA THR A 1 11.76 -0.06 5.26
C THR A 1 10.59 0.80 5.72
N ASP A 2 10.50 2.02 5.20
CA ASP A 2 9.38 2.94 5.34
C ASP A 2 8.80 3.21 3.94
N PRO A 3 7.52 3.58 3.80
CA PRO A 3 6.93 3.95 2.52
C PRO A 3 7.51 5.25 1.94
N GLU A 4 8.12 6.07 2.80
CA GLU A 4 8.67 7.38 2.55
C GLU A 4 9.60 7.40 1.34
N GLU A 5 10.31 6.31 1.08
CA GLU A 5 11.43 6.23 0.13
C GLU A 5 11.21 5.12 -0.91
N HIS A 6 9.96 4.64 -1.05
CA HIS A 6 9.62 3.44 -1.82
C HIS A 6 8.46 3.65 -2.79
N PHE A 7 8.23 4.88 -3.23
CA PHE A 7 7.18 5.23 -4.15
C PHE A 7 7.64 4.94 -5.58
N ASP A 8 7.11 3.90 -6.22
CA ASP A 8 7.24 3.69 -7.67
C ASP A 8 5.88 3.15 -8.14
N PRO A 9 4.93 4.03 -8.46
CA PRO A 9 3.60 3.65 -8.88
C PRO A 9 3.58 3.15 -10.32
N ASN A 10 2.85 2.07 -10.56
CA ASN A 10 2.39 1.74 -11.90
C ASN A 10 1.35 2.80 -12.28
N THR A 11 0.87 2.74 -13.52
CA THR A 11 -0.23 3.57 -14.02
C THR A 11 -1.60 3.10 -13.50
N ASN A 12 -1.61 2.25 -12.46
CA ASN A 12 -2.79 1.79 -11.74
C ASN A 12 -3.10 2.69 -10.55
N CYS A 13 -2.06 3.27 -9.93
CA CYS A 13 -2.13 4.20 -8.80
C CYS A 13 -2.89 5.49 -9.17
N ASP A 14 -3.03 6.39 -8.19
CA ASP A 14 -3.67 7.69 -8.32
C ASP A 14 -2.90 8.69 -7.47
N TYR A 15 -2.95 8.53 -6.15
CA TYR A 15 -2.38 9.42 -5.14
C TYR A 15 -0.90 9.68 -5.37
N THR A 16 -0.46 10.84 -4.93
CA THR A 16 0.89 11.36 -5.10
C THR A 16 1.56 11.69 -3.77
N ASN A 17 1.14 11.03 -2.68
CA ASN A 17 1.83 11.12 -1.39
C ASN A 17 1.74 9.79 -0.67
N SER A 18 2.89 9.31 -0.20
CA SER A 18 3.07 8.01 0.43
C SER A 18 2.00 7.70 1.49
N GLN A 19 1.75 8.59 2.46
CA GLN A 19 0.89 8.26 3.62
C GLN A 19 -0.57 7.99 3.19
N ASP A 20 -1.05 8.66 2.13
CA ASP A 20 -2.38 8.55 1.55
C ASP A 20 -2.51 7.21 0.84
N ALA A 21 -1.69 6.96 -0.20
CA ALA A 21 -1.71 5.66 -0.86
C ALA A 21 -1.53 4.51 0.13
N TRP A 22 -0.62 4.67 1.10
CA TRP A 22 -0.39 3.72 2.16
C TRP A 22 -1.69 3.41 2.89
N ASP A 23 -2.30 4.39 3.60
CA ASP A 23 -3.46 4.14 4.46
C ASP A 23 -4.59 3.43 3.74
N TYR A 24 -4.77 3.76 2.47
CA TYR A 24 -5.74 3.11 1.62
C TYR A 24 -5.32 1.65 1.38
N CYS A 25 -4.10 1.40 0.87
CA CYS A 25 -3.54 0.07 0.63
C CYS A 25 -3.53 -0.83 1.88
N THR A 26 -3.32 -0.26 3.08
CA THR A 26 -3.22 -0.97 4.36
C THR A 26 -4.62 -1.29 4.94
N ASN A 27 -5.69 -0.88 4.25
CA ASN A 27 -7.08 -0.94 4.69
C ASN A 27 -7.32 -0.18 6.00
N TYR A 28 -6.40 0.70 6.38
CA TYR A 28 -6.66 1.73 7.38
C TYR A 28 -7.86 2.55 6.92
N ILE A 29 -7.99 2.77 5.61
CA ILE A 29 -9.07 3.50 4.96
C ILE A 29 -9.75 2.52 4.00
N VAL A 30 -10.97 2.10 4.35
CA VAL A 30 -11.74 1.08 3.66
C VAL A 30 -12.25 1.57 2.30
N ASN A 31 -11.59 1.13 1.24
CA ASN A 31 -11.77 1.51 -0.17
C ASN A 31 -11.84 0.29 -1.11
N SER A 32 -11.64 -0.92 -0.58
CA SER A 32 -11.78 -2.20 -1.25
C SER A 32 -10.77 -2.48 -2.39
N SER A 33 -9.72 -1.69 -2.56
CA SER A 33 -8.64 -2.03 -3.50
C SER A 33 -7.42 -2.62 -2.77
N CYS A 34 -7.40 -2.60 -1.43
CA CYS A 34 -6.30 -2.89 -0.53
C CYS A 34 -5.76 -4.33 -0.59
N GLY A 35 -4.55 -4.55 -0.03
CA GLY A 35 -3.81 -5.81 -0.10
C GLY A 35 -2.43 -5.61 -0.73
N GLU A 36 -1.74 -6.71 -1.04
CA GLU A 36 -0.41 -6.68 -1.64
C GLU A 36 -0.48 -6.04 -3.02
N ILE A 37 -1.54 -6.35 -3.78
CA ILE A 37 -1.72 -5.98 -5.18
C ILE A 37 -1.68 -4.46 -5.28
N CYS A 38 -2.44 -3.75 -4.43
CA CYS A 38 -2.48 -2.30 -4.45
C CYS A 38 -1.13 -1.71 -4.10
N CYS A 39 -0.44 -2.27 -3.10
CA CYS A 39 0.90 -1.80 -2.81
C CYS A 39 1.82 -2.02 -4.01
N ASN A 40 1.71 -3.17 -4.67
CA ASN A 40 2.44 -3.47 -5.89
C ASN A 40 2.10 -2.47 -7.01
N ASP A 41 0.94 -1.82 -6.94
CA ASP A 41 0.42 -0.83 -7.88
C ASP A 41 0.87 0.60 -7.56
N CYS A 42 1.18 0.93 -6.29
CA CYS A 42 1.57 2.27 -5.86
C CYS A 42 3.01 2.39 -5.34
N PHE A 43 3.73 1.31 -5.05
CA PHE A 43 4.99 1.28 -4.34
C PHE A 43 5.90 0.22 -4.96
N ASP A 44 7.21 0.31 -4.74
CA ASP A 44 8.12 -0.78 -5.11
C ASP A 44 7.92 -2.01 -4.23
N GLU A 45 8.56 -3.11 -4.62
CA GLU A 45 8.48 -4.38 -3.92
C GLU A 45 9.02 -4.27 -2.49
N THR A 46 10.00 -3.39 -2.26
CA THR A 46 10.59 -3.28 -0.93
C THR A 46 9.64 -2.51 -0.02
N GLY A 47 9.11 -1.38 -0.49
CA GLY A 47 7.99 -0.67 0.13
C GLY A 47 6.86 -1.65 0.45
N THR A 48 6.56 -2.53 -0.50
CA THR A 48 5.50 -3.50 -0.37
C THR A 48 5.68 -4.37 0.85
N GLY A 49 6.84 -4.99 1.11
CA GLY A 49 6.97 -5.91 2.25
C GLY A 49 6.73 -5.27 3.62
N ALA A 50 6.70 -3.93 3.72
CA ALA A 50 6.24 -3.19 4.89
C ALA A 50 4.73 -2.97 4.84
N CYS A 51 4.23 -2.40 3.75
CA CYS A 51 2.83 -2.05 3.58
C CYS A 51 1.98 -3.30 3.71
N ARG A 52 2.46 -4.42 3.18
CA ARG A 52 1.76 -5.67 3.29
C ARG A 52 1.56 -6.08 4.74
N ALA A 53 2.52 -5.91 5.65
CA ALA A 53 2.26 -6.22 7.05
C ALA A 53 1.08 -5.37 7.52
N GLN A 54 1.15 -4.07 7.24
CA GLN A 54 0.06 -3.16 7.49
C GLN A 54 -1.22 -3.49 6.69
N ALA A 55 -1.21 -4.42 5.73
CA ALA A 55 -2.36 -4.85 4.96
C ALA A 55 -2.65 -6.35 5.13
N PHE A 56 -1.99 -7.04 6.06
CA PHE A 56 -2.09 -8.49 6.24
C PHE A 56 -2.75 -8.70 7.60
N GLY A 57 -2.02 -8.38 8.68
CA GLY A 57 -2.48 -8.63 10.03
C GLY A 57 -3.10 -7.39 10.70
N ASN A 58 -2.90 -6.20 10.13
CA ASN A 58 -3.28 -4.91 10.70
C ASN A 58 -4.81 -4.68 10.61
N SER A 59 -5.31 -4.19 9.46
CA SER A 59 -6.71 -3.78 9.30
C SER A 59 -7.40 -4.43 8.11
N CYS A 60 -6.68 -5.16 7.26
CA CYS A 60 -7.27 -5.81 6.10
C CYS A 60 -7.59 -7.25 6.47
N LEU A 61 -8.63 -7.82 5.86
CA LEU A 61 -9.04 -9.19 6.13
C LEU A 61 -8.04 -10.17 5.52
N ASN A 62 -7.59 -9.88 4.29
CA ASN A 62 -6.62 -10.62 3.52
C ASN A 62 -5.83 -9.61 2.72
N TRP A 63 -4.50 -9.75 2.74
CA TRP A 63 -3.63 -9.02 1.83
C TRP A 63 -3.83 -9.54 0.40
N THR A 1 10.80 -2.28 6.13
CA THR A 1 11.17 -0.99 5.53
C THR A 1 10.13 0.06 5.91
N ASP A 2 10.27 1.27 5.37
CA ASP A 2 9.33 2.36 5.49
C ASP A 2 8.82 2.69 4.08
N PRO A 3 7.58 3.19 3.93
CA PRO A 3 7.07 3.71 2.66
C PRO A 3 7.67 5.08 2.29
N GLU A 4 8.30 5.75 3.25
CA GLU A 4 8.88 7.08 3.09
C GLU A 4 9.84 7.14 1.91
N GLU A 5 10.75 6.16 1.86
CA GLU A 5 11.89 6.12 0.96
C GLU A 5 11.61 5.21 -0.24
N HIS A 6 10.37 4.77 -0.39
CA HIS A 6 9.97 3.77 -1.36
C HIS A 6 8.63 4.20 -1.94
N PHE A 7 8.65 4.79 -3.13
CA PHE A 7 7.49 5.07 -3.95
C PHE A 7 7.87 4.57 -5.34
N ASP A 8 6.99 3.82 -6.01
CA ASP A 8 7.15 3.56 -7.43
C ASP A 8 5.81 3.10 -8.00
N PRO A 9 4.89 4.02 -8.35
CA PRO A 9 3.55 3.69 -8.83
C PRO A 9 3.58 3.03 -10.21
N ASN A 10 2.48 2.41 -10.62
CA ASN A 10 2.14 2.15 -12.02
C ASN A 10 0.96 3.05 -12.41
N THR A 11 0.51 2.94 -13.66
CA THR A 11 -0.52 3.81 -14.22
C THR A 11 -1.92 3.57 -13.62
N ASN A 12 -2.14 2.44 -12.96
CA ASN A 12 -3.42 2.09 -12.32
C ASN A 12 -3.58 2.85 -11.00
N CYS A 13 -2.47 3.34 -10.45
CA CYS A 13 -2.44 4.17 -9.27
C CYS A 13 -2.36 5.63 -9.69
N ASP A 14 -2.73 6.54 -8.79
CA ASP A 14 -2.79 7.98 -9.07
C ASP A 14 -2.18 8.77 -7.92
N TYR A 15 -2.36 8.31 -6.68
CA TYR A 15 -1.99 9.04 -5.48
C TYR A 15 -0.48 9.24 -5.43
N THR A 16 -0.07 10.49 -5.18
CA THR A 16 1.33 10.85 -4.98
C THR A 16 1.52 11.53 -3.62
N ASN A 17 0.98 10.90 -2.57
CA ASN A 17 1.48 11.08 -1.21
C ASN A 17 1.68 9.68 -0.67
N SER A 18 2.77 9.49 0.05
CA SER A 18 3.18 8.21 0.63
C SER A 18 2.09 7.78 1.62
N GLN A 19 1.68 8.70 2.48
CA GLN A 19 0.71 8.54 3.53
C GLN A 19 -0.66 8.09 2.98
N ASP A 20 -1.27 8.84 2.06
CA ASP A 20 -2.60 8.50 1.52
C ASP A 20 -2.56 7.19 0.77
N ALA A 21 -1.56 6.97 -0.10
CA ALA A 21 -1.41 5.69 -0.78
C ALA A 21 -1.38 4.56 0.25
N TRP A 22 -0.47 4.64 1.23
CA TRP A 22 -0.31 3.65 2.29
C TRP A 22 -1.63 3.42 3.01
N ASP A 23 -2.33 4.46 3.46
CA ASP A 23 -3.57 4.32 4.23
C ASP A 23 -4.63 3.56 3.43
N TYR A 24 -4.76 3.87 2.15
CA TYR A 24 -5.72 3.19 1.30
C TYR A 24 -5.28 1.72 1.11
N CYS A 25 -4.01 1.46 0.82
CA CYS A 25 -3.43 0.13 0.63
C CYS A 25 -3.65 -0.78 1.84
N THR A 26 -3.34 -0.26 3.03
CA THR A 26 -3.22 -1.01 4.28
C THR A 26 -4.59 -1.25 4.93
N ASN A 27 -5.68 -0.88 4.25
CA ASN A 27 -7.03 -0.85 4.79
C ASN A 27 -7.01 -0.05 6.09
N TYR A 28 -6.43 1.14 6.03
CA TYR A 28 -6.65 2.17 7.02
C TYR A 28 -7.96 2.86 6.65
N ILE A 29 -8.01 3.38 5.43
CA ILE A 29 -9.17 4.01 4.84
C ILE A 29 -9.83 2.93 3.99
N VAL A 30 -10.93 2.36 4.49
CA VAL A 30 -11.68 1.34 3.77
C VAL A 30 -12.14 1.91 2.45
N ASN A 31 -11.72 1.30 1.33
CA ASN A 31 -12.00 1.87 0.01
C ASN A 31 -12.67 0.89 -0.96
N SER A 32 -12.02 -0.19 -1.43
CA SER A 32 -12.54 -1.27 -2.31
C SER A 32 -11.47 -2.14 -3.02
N SER A 33 -10.17 -2.04 -2.72
CA SER A 33 -9.17 -3.05 -3.08
C SER A 33 -8.50 -3.58 -1.82
N CYS A 34 -7.61 -2.77 -1.23
CA CYS A 34 -6.54 -3.11 -0.28
C CYS A 34 -5.80 -4.42 -0.61
N GLY A 35 -4.81 -4.79 0.22
CA GLY A 35 -4.03 -6.03 0.06
C GLY A 35 -2.72 -5.79 -0.70
N GLU A 36 -1.94 -6.84 -0.95
CA GLU A 36 -0.60 -6.75 -1.55
C GLU A 36 -0.63 -6.03 -2.91
N ILE A 37 -1.76 -6.11 -3.61
CA ILE A 37 -2.02 -5.49 -4.91
C ILE A 37 -1.91 -3.98 -4.80
N CYS A 38 -2.69 -3.36 -3.91
CA CYS A 38 -2.74 -1.92 -3.83
C CYS A 38 -1.36 -1.37 -3.43
N CYS A 39 -0.64 -2.11 -2.57
CA CYS A 39 0.77 -1.89 -2.30
C CYS A 39 1.51 -1.89 -3.64
N ASN A 40 1.52 -3.02 -4.35
CA ASN A 40 2.23 -3.22 -5.62
C ASN A 40 1.96 -2.15 -6.65
N ASP A 41 0.76 -1.57 -6.65
CA ASP A 41 0.32 -0.65 -7.68
C ASP A 41 0.81 0.78 -7.40
N CYS A 42 0.96 1.19 -6.13
CA CYS A 42 1.59 2.50 -5.79
C CYS A 42 3.08 2.37 -5.47
N PHE A 43 3.56 1.17 -5.18
CA PHE A 43 4.83 0.94 -4.54
C PHE A 43 5.59 -0.15 -5.28
N ASP A 44 6.91 0.01 -5.29
CA ASP A 44 7.91 -1.01 -5.61
C ASP A 44 7.75 -2.23 -4.71
N GLU A 45 8.56 -3.25 -4.95
CA GLU A 45 8.52 -4.53 -4.26
C GLU A 45 8.96 -4.42 -2.79
N THR A 46 9.82 -3.45 -2.49
CA THR A 46 10.50 -3.31 -1.21
C THR A 46 9.62 -2.62 -0.19
N GLY A 47 9.09 -1.43 -0.52
CA GLY A 47 8.10 -0.74 0.29
C GLY A 47 6.93 -1.67 0.53
N THR A 48 6.50 -2.38 -0.52
CA THR A 48 5.45 -3.38 -0.40
C THR A 48 5.70 -4.32 0.77
N GLY A 49 6.89 -4.87 1.01
CA GLY A 49 7.09 -5.78 2.13
C GLY A 49 6.60 -5.24 3.48
N ALA A 50 6.76 -3.93 3.73
CA ALA A 50 6.25 -3.23 4.90
C ALA A 50 4.74 -3.02 4.86
N CYS A 51 4.25 -2.52 3.74
CA CYS A 51 2.86 -2.15 3.55
C CYS A 51 2.00 -3.40 3.62
N ARG A 52 2.52 -4.52 3.14
CA ARG A 52 1.89 -5.82 3.28
C ARG A 52 1.66 -6.16 4.73
N ALA A 53 2.63 -5.95 5.63
CA ALA A 53 2.39 -6.22 7.05
C ALA A 53 1.18 -5.44 7.52
N GLN A 54 1.18 -4.13 7.24
CA GLN A 54 0.05 -3.24 7.51
C GLN A 54 -1.20 -3.62 6.70
N ALA A 55 -1.18 -4.59 5.78
CA ALA A 55 -2.34 -5.09 5.06
C ALA A 55 -2.58 -6.60 5.29
N PHE A 56 -1.81 -7.27 6.16
CA PHE A 56 -1.78 -8.73 6.34
C PHE A 56 -2.29 -9.10 7.74
N GLY A 57 -1.68 -8.48 8.75
CA GLY A 57 -2.04 -8.70 10.15
C GLY A 57 -2.78 -7.53 10.78
N ASN A 58 -2.78 -6.40 10.09
CA ASN A 58 -3.46 -5.16 10.47
C ASN A 58 -4.93 -5.27 10.05
N SER A 59 -5.58 -4.19 9.62
CA SER A 59 -7.05 -4.14 9.56
C SER A 59 -7.65 -4.80 8.32
N CYS A 60 -6.85 -4.99 7.26
CA CYS A 60 -7.28 -5.75 6.11
C CYS A 60 -7.36 -7.20 6.57
N LEU A 61 -8.51 -7.86 6.40
CA LEU A 61 -8.69 -9.21 6.94
C LEU A 61 -7.91 -10.25 6.14
N ASN A 62 -7.79 -10.03 4.83
CA ASN A 62 -6.97 -10.83 3.93
C ASN A 62 -6.22 -9.86 3.04
N TRP A 63 -4.89 -10.01 2.94
CA TRP A 63 -4.07 -9.27 2.02
C TRP A 63 -4.36 -9.69 0.57
N THR A 1 10.89 -1.43 5.67
CA THR A 1 11.25 -0.07 5.26
C THR A 1 10.06 0.87 5.46
N ASP A 2 10.29 2.17 5.37
CA ASP A 2 9.25 3.18 5.45
C ASP A 2 8.82 3.55 4.02
N PRO A 3 7.55 3.93 3.80
CA PRO A 3 7.02 4.35 2.50
C PRO A 3 7.54 5.74 2.09
N GLU A 4 8.31 6.38 2.96
CA GLU A 4 8.95 7.66 2.69
C GLU A 4 9.88 7.58 1.49
N GLU A 5 10.63 6.50 1.36
CA GLU A 5 11.81 6.43 0.50
C GLU A 5 11.67 5.36 -0.58
N HIS A 6 10.47 4.80 -0.70
CA HIS A 6 10.15 3.72 -1.61
C HIS A 6 8.79 4.11 -2.15
N PHE A 7 8.74 4.58 -3.40
CA PHE A 7 7.50 5.02 -4.03
C PHE A 7 7.72 4.78 -5.52
N ASP A 8 7.10 3.75 -6.09
CA ASP A 8 7.33 3.37 -7.49
C ASP A 8 5.98 2.98 -8.10
N PRO A 9 5.10 3.97 -8.37
CA PRO A 9 3.73 3.69 -8.74
C PRO A 9 3.63 3.22 -10.19
N ASN A 10 2.96 2.10 -10.41
CA ASN A 10 2.63 1.61 -11.74
C ASN A 10 1.75 2.62 -12.47
N THR A 11 1.44 2.32 -13.72
CA THR A 11 0.42 2.95 -14.55
C THR A 11 -1.00 2.62 -14.08
N ASN A 12 -1.21 2.50 -12.75
CA ASN A 12 -2.49 2.21 -12.14
C ASN A 12 -2.71 2.98 -10.85
N CYS A 13 -1.67 3.39 -10.12
CA CYS A 13 -1.84 4.20 -8.92
C CYS A 13 -2.25 5.61 -9.33
N ASP A 14 -2.96 6.32 -8.46
CA ASP A 14 -3.33 7.73 -8.68
C ASP A 14 -2.94 8.60 -7.49
N TYR A 15 -2.75 8.02 -6.30
CA TYR A 15 -2.38 8.80 -5.13
C TYR A 15 -0.87 8.99 -5.11
N THR A 16 -0.44 10.23 -5.27
CA THR A 16 0.96 10.64 -5.29
C THR A 16 1.46 11.01 -3.89
N ASN A 17 0.83 10.49 -2.85
CA ASN A 17 1.19 10.77 -1.46
C ASN A 17 1.51 9.44 -0.84
N SER A 18 2.65 9.39 -0.16
CA SER A 18 3.11 8.24 0.59
C SER A 18 1.99 7.79 1.54
N GLN A 19 1.46 8.72 2.36
CA GLN A 19 0.55 8.37 3.43
C GLN A 19 -0.83 7.96 2.93
N ASP A 20 -1.48 8.72 2.05
CA ASP A 20 -2.82 8.32 1.55
C ASP A 20 -2.69 7.02 0.77
N ALA A 21 -1.66 6.85 -0.07
CA ALA A 21 -1.45 5.60 -0.78
C ALA A 21 -1.33 4.46 0.22
N TRP A 22 -0.38 4.56 1.16
CA TRP A 22 -0.16 3.63 2.24
C TRP A 22 -1.49 3.32 2.93
N ASP A 23 -2.12 4.31 3.56
CA ASP A 23 -3.31 4.15 4.38
C ASP A 23 -4.40 3.40 3.62
N TYR A 24 -4.59 3.72 2.35
CA TYR A 24 -5.56 3.01 1.54
C TYR A 24 -5.10 1.55 1.34
N CYS A 25 -3.85 1.33 0.92
CA CYS A 25 -3.27 -0.01 0.77
C CYS A 25 -3.46 -0.85 2.03
N THR A 26 -3.12 -0.27 3.19
CA THR A 26 -3.07 -0.93 4.47
C THR A 26 -4.47 -1.05 5.09
N ASN A 27 -5.53 -0.61 4.38
CA ASN A 27 -6.91 -0.70 4.83
C ASN A 27 -7.06 0.05 6.18
N TYR A 28 -6.25 1.08 6.35
CA TYR A 28 -6.39 2.12 7.37
C TYR A 28 -7.61 3.00 7.07
N ILE A 29 -8.07 3.01 5.82
CA ILE A 29 -9.21 3.76 5.30
C ILE A 29 -9.97 2.75 4.44
N VAL A 30 -11.26 2.56 4.68
CA VAL A 30 -12.07 1.71 3.83
C VAL A 30 -12.06 2.33 2.44
N ASN A 31 -11.66 1.51 1.48
CA ASN A 31 -11.57 1.86 0.07
C ASN A 31 -11.93 0.68 -0.84
N SER A 32 -12.09 -0.52 -0.28
CA SER A 32 -12.66 -1.71 -0.92
C SER A 32 -11.65 -2.51 -1.76
N SER A 33 -10.52 -1.93 -2.19
CA SER A 33 -9.47 -2.69 -2.87
C SER A 33 -8.37 -3.11 -1.89
N CYS A 34 -7.62 -2.15 -1.32
CA CYS A 34 -6.50 -2.34 -0.41
C CYS A 34 -5.60 -3.53 -0.82
N GLY A 35 -4.93 -4.18 0.12
CA GLY A 35 -4.29 -5.46 -0.07
C GLY A 35 -2.97 -5.35 -0.81
N GLU A 36 -2.35 -6.50 -1.07
CA GLU A 36 -1.03 -6.59 -1.70
C GLU A 36 -1.00 -5.85 -3.02
N ILE A 37 -2.01 -5.99 -3.86
CA ILE A 37 -2.13 -5.30 -5.13
C ILE A 37 -2.05 -3.80 -4.95
N CYS A 38 -2.67 -3.21 -3.94
CA CYS A 38 -2.59 -1.77 -3.73
C CYS A 38 -1.14 -1.39 -3.38
N CYS A 39 -0.47 -2.19 -2.53
CA CYS A 39 0.94 -2.03 -2.26
C CYS A 39 1.71 -2.09 -3.58
N ASN A 40 1.57 -3.18 -4.32
CA ASN A 40 2.20 -3.51 -5.58
C ASN A 40 1.83 -2.54 -6.71
N ASP A 41 0.89 -1.61 -6.50
CA ASP A 41 0.47 -0.64 -7.49
C ASP A 41 1.05 0.74 -7.20
N CYS A 42 1.41 1.03 -5.94
CA CYS A 42 1.95 2.32 -5.51
C CYS A 42 3.43 2.24 -5.13
N PHE A 43 3.90 1.07 -4.70
CA PHE A 43 5.17 0.86 -4.04
C PHE A 43 5.91 -0.27 -4.76
N ASP A 44 7.23 -0.11 -4.91
CA ASP A 44 8.09 -1.23 -5.29
C ASP A 44 8.01 -2.31 -4.23
N GLU A 45 8.48 -3.50 -4.57
CA GLU A 45 8.45 -4.69 -3.74
C GLU A 45 9.09 -4.44 -2.37
N THR A 46 10.02 -3.48 -2.29
CA THR A 46 10.71 -3.18 -1.03
C THR A 46 9.83 -2.28 -0.15
N GLY A 47 9.25 -1.20 -0.68
CA GLY A 47 8.27 -0.40 0.05
C GLY A 47 7.04 -1.25 0.41
N THR A 48 6.65 -2.08 -0.55
CA THR A 48 5.54 -2.99 -0.47
C THR A 48 5.72 -3.93 0.72
N GLY A 49 6.85 -4.60 0.98
CA GLY A 49 6.89 -5.64 2.00
C GLY A 49 6.38 -5.16 3.37
N ALA A 50 6.76 -3.93 3.77
CA ALA A 50 6.26 -3.24 4.94
C ALA A 50 4.76 -3.01 4.85
N CYS A 51 4.33 -2.35 3.76
CA CYS A 51 2.95 -1.96 3.52
C CYS A 51 2.07 -3.21 3.52
N ARG A 52 2.58 -4.32 2.98
CA ARG A 52 1.89 -5.58 2.96
C ARG A 52 1.65 -6.08 4.35
N ALA A 53 2.62 -6.02 5.25
CA ALA A 53 2.38 -6.45 6.63
C ALA A 53 1.18 -5.67 7.19
N GLN A 54 1.21 -4.35 7.04
CA GLN A 54 0.12 -3.46 7.43
C GLN A 54 -1.17 -3.68 6.60
N ALA A 55 -1.17 -4.48 5.54
CA ALA A 55 -2.33 -4.83 4.74
C ALA A 55 -2.64 -6.32 4.75
N PHE A 56 -1.93 -7.11 5.55
CA PHE A 56 -2.00 -8.56 5.60
C PHE A 56 -2.47 -8.99 6.98
N GLY A 57 -1.85 -8.41 8.00
CA GLY A 57 -2.02 -8.79 9.39
C GLY A 57 -2.14 -7.56 10.28
N ASN A 58 -3.06 -6.66 9.92
CA ASN A 58 -3.26 -5.37 10.58
C ASN A 58 -4.75 -5.01 10.57
N SER A 59 -5.29 -4.59 9.43
CA SER A 59 -6.67 -4.16 9.25
C SER A 59 -7.40 -5.00 8.19
N CYS A 60 -6.92 -4.99 6.94
CA CYS A 60 -7.41 -5.85 5.88
C CYS A 60 -7.39 -7.29 6.36
N LEU A 61 -8.51 -8.00 6.23
CA LEU A 61 -8.59 -9.40 6.67
C LEU A 61 -7.60 -10.25 5.90
N ASN A 62 -7.58 -10.11 4.58
CA ASN A 62 -6.73 -10.89 3.70
C ASN A 62 -6.28 -9.94 2.61
N TRP A 63 -4.96 -9.77 2.52
CA TRP A 63 -4.27 -9.00 1.50
C TRP A 63 -4.65 -9.43 0.08
N THR A 1 11.32 -1.70 6.19
CA THR A 1 11.64 -0.40 5.59
C THR A 1 10.43 0.53 5.78
N ASP A 2 10.53 1.77 5.32
CA ASP A 2 9.49 2.79 5.44
C ASP A 2 8.94 3.11 4.05
N PRO A 3 7.73 3.67 3.93
CA PRO A 3 7.13 4.01 2.63
C PRO A 3 7.82 5.19 1.94
N GLU A 4 8.50 6.03 2.72
CA GLU A 4 9.02 7.33 2.34
C GLU A 4 9.96 7.24 1.11
N GLU A 5 10.86 6.24 1.14
CA GLU A 5 11.97 6.10 0.21
C GLU A 5 11.55 5.27 -1.02
N HIS A 6 10.24 5.03 -1.21
CA HIS A 6 9.74 3.98 -2.09
C HIS A 6 8.46 4.39 -2.83
N PHE A 7 8.55 5.27 -3.83
CA PHE A 7 7.40 5.69 -4.63
C PHE A 7 7.61 5.26 -6.07
N ASP A 8 6.82 4.28 -6.53
CA ASP A 8 6.90 3.77 -7.90
C ASP A 8 5.46 3.48 -8.41
N PRO A 9 4.56 4.48 -8.49
CA PRO A 9 3.17 4.23 -8.87
C PRO A 9 3.08 3.79 -10.32
N ASN A 10 2.40 2.67 -10.53
CA ASN A 10 2.05 2.17 -11.85
C ASN A 10 0.74 2.82 -12.28
N THR A 11 0.32 2.57 -13.52
CA THR A 11 -0.92 3.09 -14.11
C THR A 11 -2.20 2.53 -13.46
N ASN A 12 -2.05 1.72 -12.41
CA ASN A 12 -3.16 1.29 -11.55
C ASN A 12 -3.45 2.33 -10.45
N CYS A 13 -2.50 3.22 -10.11
CA CYS A 13 -2.56 4.08 -8.96
C CYS A 13 -2.55 5.58 -9.37
N ASP A 14 -2.87 6.47 -8.42
CA ASP A 14 -3.11 7.89 -8.66
C ASP A 14 -2.72 8.75 -7.45
N TYR A 15 -2.86 8.24 -6.23
CA TYR A 15 -2.49 9.01 -5.05
C TYR A 15 -0.98 9.11 -4.97
N THR A 16 -0.45 10.33 -5.11
CA THR A 16 0.98 10.57 -5.07
C THR A 16 1.46 10.96 -3.66
N ASN A 17 0.66 10.73 -2.61
CA ASN A 17 1.05 11.00 -1.23
C ASN A 17 1.30 9.66 -0.57
N SER A 18 2.43 9.53 0.11
CA SER A 18 2.93 8.30 0.71
C SER A 18 2.00 7.89 1.85
N GLN A 19 1.44 8.85 2.59
CA GLN A 19 0.51 8.61 3.69
C GLN A 19 -0.83 8.10 3.16
N ASP A 20 -1.48 8.88 2.28
CA ASP A 20 -2.80 8.56 1.75
C ASP A 20 -2.75 7.23 1.03
N ALA A 21 -1.82 7.07 0.08
CA ALA A 21 -1.70 5.83 -0.67
C ALA A 21 -1.50 4.67 0.29
N TRP A 22 -0.56 4.78 1.24
CA TRP A 22 -0.30 3.75 2.25
C TRP A 22 -1.59 3.38 2.97
N ASP A 23 -2.23 4.31 3.68
CA ASP A 23 -3.39 4.00 4.54
C ASP A 23 -4.50 3.32 3.74
N TYR A 24 -4.66 3.73 2.49
CA TYR A 24 -5.66 3.16 1.63
C TYR A 24 -5.22 1.72 1.24
N CYS A 25 -3.94 1.50 0.89
CA CYS A 25 -3.39 0.17 0.60
C CYS A 25 -3.56 -0.78 1.79
N THR A 26 -3.20 -0.32 2.97
CA THR A 26 -3.13 -1.08 4.20
C THR A 26 -4.52 -1.29 4.80
N ASN A 27 -5.58 -0.79 4.14
CA ASN A 27 -6.97 -0.91 4.60
C ASN A 27 -7.23 -0.17 5.91
N TYR A 28 -6.26 0.63 6.35
CA TYR A 28 -6.41 1.66 7.36
C TYR A 28 -7.56 2.59 6.98
N ILE A 29 -7.81 2.75 5.67
CA ILE A 29 -8.92 3.45 5.07
C ILE A 29 -9.50 2.49 4.03
N VAL A 30 -10.79 2.16 4.13
CA VAL A 30 -11.54 1.50 3.06
C VAL A 30 -11.38 2.30 1.77
N ASN A 31 -11.29 1.62 0.64
CA ASN A 31 -11.34 2.26 -0.68
C ASN A 31 -11.68 1.21 -1.74
N SER A 32 -10.73 0.33 -2.04
CA SER A 32 -10.77 -0.75 -3.02
C SER A 32 -10.44 -2.07 -2.30
N SER A 33 -10.17 -3.16 -3.03
CA SER A 33 -9.88 -4.46 -2.42
C SER A 33 -8.54 -4.51 -1.66
N CYS A 34 -7.80 -3.40 -1.58
CA CYS A 34 -6.62 -3.19 -0.75
C CYS A 34 -5.62 -4.36 -0.93
N GLY A 35 -4.81 -4.67 0.09
CA GLY A 35 -3.98 -5.87 0.10
C GLY A 35 -2.62 -5.62 -0.52
N GLU A 36 -1.81 -6.67 -0.63
CA GLU A 36 -0.49 -6.64 -1.22
C GLU A 36 -0.49 -6.05 -2.63
N ILE A 37 -1.60 -6.18 -3.36
CA ILE A 37 -1.83 -5.60 -4.67
C ILE A 37 -1.73 -4.08 -4.61
N CYS A 38 -2.49 -3.42 -3.71
CA CYS A 38 -2.48 -1.97 -3.66
C CYS A 38 -1.09 -1.46 -3.26
N CYS A 39 -0.40 -2.20 -2.36
CA CYS A 39 1.01 -2.00 -2.09
C CYS A 39 1.79 -2.06 -3.40
N ASN A 40 1.72 -3.18 -4.12
CA ASN A 40 2.45 -3.42 -5.37
C ASN A 40 2.18 -2.33 -6.40
N ASP A 41 0.97 -1.79 -6.40
CA ASP A 41 0.50 -0.89 -7.45
C ASP A 41 0.97 0.55 -7.22
N CYS A 42 1.40 0.93 -5.99
CA CYS A 42 1.96 2.26 -5.68
C CYS A 42 3.44 2.20 -5.27
N PHE A 43 3.81 1.20 -4.48
CA PHE A 43 5.14 1.00 -3.94
C PHE A 43 5.88 0.04 -4.89
N ASP A 44 7.23 0.05 -4.86
CA ASP A 44 7.98 -1.09 -5.39
C ASP A 44 7.80 -2.29 -4.46
N GLU A 45 8.37 -3.43 -4.85
CA GLU A 45 8.24 -4.68 -4.11
C GLU A 45 8.91 -4.56 -2.72
N THR A 46 9.92 -3.69 -2.60
CA THR A 46 10.59 -3.38 -1.36
C THR A 46 9.68 -2.53 -0.47
N GLY A 47 9.18 -1.40 -0.95
CA GLY A 47 8.24 -0.53 -0.25
C GLY A 47 6.93 -1.25 0.06
N THR A 48 6.62 -2.30 -0.68
CA THR A 48 5.52 -3.19 -0.38
C THR A 48 5.74 -4.02 0.88
N GLY A 49 6.93 -4.55 1.18
CA GLY A 49 7.10 -5.53 2.25
C GLY A 49 6.52 -5.11 3.61
N ALA A 50 6.65 -3.84 3.95
CA ALA A 50 6.10 -3.18 5.13
C ALA A 50 4.60 -2.96 4.99
N CYS A 51 4.19 -2.44 3.83
CA CYS A 51 2.83 -2.06 3.51
C CYS A 51 1.97 -3.32 3.59
N ARG A 52 2.52 -4.46 3.13
CA ARG A 52 1.91 -5.77 3.27
C ARG A 52 1.59 -6.06 4.71
N ALA A 53 2.52 -5.93 5.65
CA ALA A 53 2.25 -6.27 7.04
C ALA A 53 1.09 -5.43 7.59
N GLN A 54 1.09 -4.13 7.26
CA GLN A 54 0.01 -3.22 7.64
C GLN A 54 -1.31 -3.56 6.93
N ALA A 55 -1.33 -4.42 5.91
CA ALA A 55 -2.54 -5.02 5.40
C ALA A 55 -2.76 -6.37 6.10
N PHE A 56 -1.90 -7.34 5.77
CA PHE A 56 -1.86 -8.74 6.17
C PHE A 56 -2.28 -8.95 7.62
N GLY A 57 -1.47 -8.41 8.53
CA GLY A 57 -1.48 -8.70 9.95
C GLY A 57 -2.28 -7.67 10.71
N ASN A 58 -3.22 -6.99 10.05
CA ASN A 58 -3.74 -5.73 10.49
C ASN A 58 -5.13 -5.61 9.85
N SER A 59 -5.58 -4.42 9.42
CA SER A 59 -7.00 -4.21 9.11
C SER A 59 -7.47 -5.10 7.94
N CYS A 60 -6.74 -5.12 6.80
CA CYS A 60 -7.07 -5.90 5.63
C CYS A 60 -7.31 -7.36 5.98
N LEU A 61 -8.56 -7.80 5.79
CA LEU A 61 -9.02 -9.07 6.34
C LEU A 61 -8.29 -10.25 5.71
N ASN A 62 -7.82 -10.09 4.48
CA ASN A 62 -6.85 -10.90 3.77
C ASN A 62 -6.07 -9.91 2.90
N TRP A 63 -4.82 -10.22 2.60
CA TRP A 63 -3.96 -9.39 1.74
C TRP A 63 -4.07 -9.81 0.28
#